data_5NCE
#
_entry.id   5NCE
#
_entity_poly.entity_id   1
_entity_poly.type   'polypeptide(L)'
_entity_poly.pdbx_seq_one_letter_code
;RMCKTPSGKFKGYCVNNTNCKNVCRTEGFPTGSCDFHVAGRKCYCYKPCP
;
_entity_poly.pdbx_strand_id   A
#
# COMPACT_ATOMS: atom_id res chain seq x y z
N ARG A 1 -14.93 -1.89 -6.85
CA ARG A 1 -14.44 -1.25 -5.62
C ARG A 1 -12.93 -1.31 -5.51
N MET A 2 -12.35 -0.30 -4.88
CA MET A 2 -10.93 -0.27 -4.59
C MET A 2 -10.75 -0.64 -3.16
N CYS A 3 -10.27 -1.80 -2.96
CA CYS A 3 -10.00 -2.30 -1.65
C CYS A 3 -8.64 -1.84 -1.21
N LYS A 4 -8.63 -1.02 -0.19
CA LYS A 4 -7.40 -0.55 0.37
C LYS A 4 -7.05 -1.47 1.53
N THR A 5 -6.04 -2.24 1.35
CA THR A 5 -5.58 -3.23 2.28
C THR A 5 -4.25 -2.81 2.91
N PRO A 6 -4.11 -2.87 4.24
CA PRO A 6 -2.85 -2.51 4.89
C PRO A 6 -1.72 -3.47 4.53
N SER A 7 -0.62 -2.90 4.04
CA SER A 7 0.57 -3.66 3.66
C SER A 7 1.14 -4.46 4.83
N GLY A 8 1.54 -5.67 4.55
CA GLY A 8 2.05 -6.52 5.56
C GLY A 8 3.55 -6.50 5.68
N LYS A 9 4.28 -6.40 4.58
CA LYS A 9 5.69 -6.50 4.69
C LYS A 9 6.36 -5.20 4.60
N PHE A 10 5.58 -4.19 4.35
CA PHE A 10 6.07 -2.85 4.26
C PHE A 10 6.49 -2.35 5.60
N LYS A 11 7.72 -1.99 5.67
CA LYS A 11 8.32 -1.49 6.86
C LYS A 11 9.11 -0.25 6.47
N GLY A 12 8.59 0.91 6.77
CA GLY A 12 9.29 2.11 6.45
C GLY A 12 8.34 3.23 6.10
N TYR A 13 8.86 4.24 5.46
CA TYR A 13 8.10 5.41 5.12
C TYR A 13 7.54 5.36 3.72
N CYS A 14 6.24 5.37 3.62
CA CYS A 14 5.58 5.39 2.33
C CYS A 14 5.45 6.86 1.87
N VAL A 15 6.54 7.44 1.50
CA VAL A 15 6.51 8.78 0.95
C VAL A 15 6.03 8.75 -0.50
N ASN A 16 6.57 7.84 -1.28
CA ASN A 16 6.22 7.69 -2.69
C ASN A 16 5.29 6.50 -2.81
N ASN A 17 4.34 6.57 -3.70
CA ASN A 17 3.40 5.47 -3.88
C ASN A 17 4.05 4.29 -4.56
N THR A 18 5.06 4.56 -5.35
CA THR A 18 5.80 3.57 -6.12
C THR A 18 6.47 2.47 -5.23
N ASN A 19 7.00 2.85 -4.05
CA ASN A 19 7.60 1.87 -3.14
C ASN A 19 6.54 0.99 -2.56
N CYS A 20 5.43 1.62 -2.18
CA CYS A 20 4.27 0.92 -1.63
C CYS A 20 3.81 -0.04 -2.64
N LYS A 21 3.74 0.48 -3.84
CA LYS A 21 3.27 -0.19 -4.97
C LYS A 21 4.02 -1.48 -5.13
N ASN A 22 5.34 -1.37 -5.16
CA ASN A 22 6.21 -2.53 -5.38
C ASN A 22 6.08 -3.55 -4.28
N VAL A 23 5.97 -3.08 -3.06
CA VAL A 23 5.83 -3.97 -1.91
C VAL A 23 4.47 -4.68 -1.97
N CYS A 24 3.45 -3.96 -2.33
CA CYS A 24 2.14 -4.53 -2.50
C CYS A 24 2.12 -5.48 -3.70
N ARG A 25 2.81 -5.10 -4.76
CA ARG A 25 2.91 -5.93 -5.97
C ARG A 25 3.63 -7.24 -5.66
N THR A 26 4.55 -7.20 -4.71
CA THR A 26 5.24 -8.39 -4.27
C THR A 26 4.42 -9.21 -3.25
N GLU A 27 3.64 -8.52 -2.43
CA GLU A 27 2.69 -9.19 -1.51
C GLU A 27 1.58 -9.93 -2.26
N GLY A 28 1.15 -9.37 -3.39
CA GLY A 28 0.14 -10.02 -4.20
C GLY A 28 -0.98 -9.07 -4.55
N PHE A 29 -0.63 -7.85 -4.80
CA PHE A 29 -1.58 -6.83 -5.11
C PHE A 29 -1.19 -6.16 -6.41
N PRO A 30 -2.18 -5.72 -7.20
CA PRO A 30 -1.92 -5.03 -8.45
C PRO A 30 -1.17 -3.71 -8.24
N THR A 31 -1.43 -3.05 -7.13
CA THR A 31 -0.83 -1.78 -6.88
C THR A 31 -0.87 -1.46 -5.38
N GLY A 32 -0.19 -0.42 -5.02
CA GLY A 32 -0.11 0.01 -3.68
C GLY A 32 0.03 1.48 -3.69
N SER A 33 -0.37 2.10 -2.64
CA SER A 33 -0.40 3.53 -2.52
C SER A 33 -0.36 3.95 -1.04
N CYS A 34 0.05 5.16 -0.77
CA CYS A 34 0.29 5.60 0.57
C CYS A 34 -0.94 6.25 1.17
N ASP A 35 -1.05 6.13 2.46
CA ASP A 35 -2.15 6.64 3.23
C ASP A 35 -1.61 7.20 4.54
N PHE A 36 -2.37 8.06 5.17
CA PHE A 36 -1.96 8.67 6.39
C PHE A 36 -3.03 8.37 7.40
N HIS A 37 -2.74 7.47 8.28
CA HIS A 37 -3.67 7.14 9.34
C HIS A 37 -2.87 6.96 10.62
N VAL A 38 -1.61 7.27 10.53
CA VAL A 38 -0.64 7.08 11.58
C VAL A 38 0.37 8.17 11.46
N ALA A 39 1.11 8.42 12.52
CA ALA A 39 2.15 9.44 12.51
C ALA A 39 3.30 8.98 11.63
N GLY A 40 3.12 9.23 10.37
CA GLY A 40 4.05 8.88 9.38
C GLY A 40 3.30 8.59 8.12
N ARG A 41 3.77 7.65 7.36
CA ARG A 41 3.15 7.29 6.12
C ARG A 41 2.93 5.79 6.08
N LYS A 42 1.71 5.36 5.87
CA LYS A 42 1.43 3.96 5.84
C LYS A 42 1.07 3.53 4.45
N CYS A 43 1.73 2.50 4.01
CA CYS A 43 1.51 1.91 2.72
C CYS A 43 0.25 1.03 2.74
N TYR A 44 -0.56 1.16 1.73
CA TYR A 44 -1.71 0.35 1.56
C TYR A 44 -1.75 -0.20 0.18
N CYS A 45 -2.25 -1.35 0.07
CA CYS A 45 -2.31 -2.03 -1.15
C CYS A 45 -3.71 -1.93 -1.70
N TYR A 46 -3.79 -1.72 -2.98
CA TYR A 46 -5.06 -1.57 -3.62
C TYR A 46 -5.33 -2.71 -4.52
N LYS A 47 -6.55 -3.19 -4.45
CA LYS A 47 -6.97 -4.30 -5.25
C LYS A 47 -8.43 -4.15 -5.60
N PRO A 48 -8.81 -4.52 -6.82
CA PRO A 48 -10.19 -4.43 -7.26
C PRO A 48 -11.06 -5.51 -6.62
N CYS A 49 -12.02 -5.04 -5.91
CA CYS A 49 -13.06 -5.84 -5.36
C CYS A 49 -14.31 -5.42 -6.12
N PRO A 50 -15.40 -6.18 -6.09
CA PRO A 50 -16.64 -5.77 -6.75
C PRO A 50 -17.20 -4.51 -6.09
N ARG A 1 -14.77 -1.24 -7.10
CA ARG A 1 -14.25 -0.61 -5.87
C ARG A 1 -12.75 -0.81 -5.73
N MET A 2 -12.12 0.11 -5.03
CA MET A 2 -10.71 0.03 -4.72
C MET A 2 -10.58 -0.33 -3.28
N CYS A 3 -10.14 -1.50 -3.06
CA CYS A 3 -9.93 -2.02 -1.73
C CYS A 3 -8.57 -1.65 -1.26
N LYS A 4 -8.51 -0.94 -0.17
CA LYS A 4 -7.28 -0.52 0.42
C LYS A 4 -6.94 -1.49 1.57
N THR A 5 -5.92 -2.28 1.37
CA THR A 5 -5.50 -3.31 2.28
C THR A 5 -4.11 -2.97 2.88
N PRO A 6 -3.93 -3.07 4.21
CA PRO A 6 -2.65 -2.75 4.86
C PRO A 6 -1.49 -3.69 4.47
N SER A 7 -0.36 -3.11 4.12
CA SER A 7 0.85 -3.84 3.77
C SER A 7 1.48 -4.53 4.99
N GLY A 8 2.10 -5.69 4.77
CA GLY A 8 2.73 -6.40 5.85
C GLY A 8 4.25 -6.18 5.88
N LYS A 9 4.92 -6.28 4.72
CA LYS A 9 6.38 -6.21 4.74
C LYS A 9 6.88 -4.84 4.54
N PHE A 10 5.97 -3.94 4.46
CA PHE A 10 6.32 -2.58 4.32
C PHE A 10 6.72 -2.04 5.67
N LYS A 11 7.92 -1.61 5.76
CA LYS A 11 8.43 -1.05 6.98
C LYS A 11 9.11 0.26 6.63
N GLY A 12 8.43 1.37 6.84
CA GLY A 12 9.04 2.65 6.56
C GLY A 12 8.03 3.67 6.16
N TYR A 13 8.52 4.77 5.63
CA TYR A 13 7.69 5.89 5.23
C TYR A 13 7.20 5.74 3.81
N CYS A 14 5.90 5.68 3.63
CA CYS A 14 5.34 5.60 2.32
C CYS A 14 5.13 7.01 1.78
N VAL A 15 6.20 7.64 1.45
CA VAL A 15 6.19 8.93 0.80
C VAL A 15 5.66 8.86 -0.64
N ASN A 16 6.12 7.89 -1.40
CA ASN A 16 5.73 7.77 -2.80
C ASN A 16 4.96 6.47 -3.00
N ASN A 17 4.08 6.46 -3.97
CA ASN A 17 3.24 5.31 -4.22
C ASN A 17 4.01 4.16 -4.84
N THR A 18 5.04 4.46 -5.61
CA THR A 18 5.84 3.44 -6.31
C THR A 18 6.50 2.41 -5.32
N ASN A 19 6.97 2.87 -4.14
CA ASN A 19 7.59 1.95 -3.17
C ASN A 19 6.54 1.05 -2.59
N CYS A 20 5.41 1.62 -2.27
CA CYS A 20 4.28 0.90 -1.72
C CYS A 20 3.85 -0.09 -2.72
N LYS A 21 3.80 0.39 -3.93
CA LYS A 21 3.35 -0.31 -5.05
C LYS A 21 4.14 -1.59 -5.16
N ASN A 22 5.46 -1.45 -5.20
CA ASN A 22 6.36 -2.59 -5.36
C ASN A 22 6.21 -3.57 -4.24
N VAL A 23 6.14 -3.06 -3.01
CA VAL A 23 5.99 -3.92 -1.86
C VAL A 23 4.66 -4.68 -1.93
N CYS A 24 3.60 -3.99 -2.27
CA CYS A 24 2.28 -4.60 -2.43
C CYS A 24 2.24 -5.55 -3.61
N ARG A 25 2.97 -5.24 -4.65
CA ARG A 25 3.07 -6.12 -5.81
C ARG A 25 3.84 -7.38 -5.44
N THR A 26 4.72 -7.25 -4.46
CA THR A 26 5.46 -8.38 -3.92
C THR A 26 4.58 -9.14 -2.88
N GLU A 27 3.66 -8.42 -2.23
CA GLU A 27 2.65 -9.05 -1.34
C GLU A 27 1.68 -9.91 -2.15
N GLY A 28 1.20 -9.35 -3.24
CA GLY A 28 0.29 -10.06 -4.11
C GLY A 28 -0.87 -9.17 -4.50
N PHE A 29 -0.55 -7.93 -4.76
CA PHE A 29 -1.53 -6.94 -5.11
C PHE A 29 -1.13 -6.26 -6.39
N PRO A 30 -2.12 -5.85 -7.20
CA PRO A 30 -1.85 -5.16 -8.46
C PRO A 30 -1.10 -3.83 -8.26
N THR A 31 -1.37 -3.17 -7.15
CA THR A 31 -0.77 -1.90 -6.92
C THR A 31 -0.80 -1.58 -5.43
N GLY A 32 -0.13 -0.53 -5.06
CA GLY A 32 -0.05 -0.09 -3.74
C GLY A 32 0.05 1.39 -3.76
N SER A 33 -0.38 2.01 -2.73
CA SER A 33 -0.42 3.43 -2.60
C SER A 33 -0.42 3.83 -1.12
N CYS A 34 -0.04 5.03 -0.84
CA CYS A 34 0.20 5.47 0.50
C CYS A 34 -1.04 6.07 1.14
N ASP A 35 -1.05 6.05 2.44
CA ASP A 35 -2.15 6.52 3.24
C ASP A 35 -1.59 7.08 4.54
N PHE A 36 -2.29 8.01 5.14
CA PHE A 36 -1.88 8.57 6.37
C PHE A 36 -2.96 8.28 7.37
N HIS A 37 -2.66 7.39 8.27
CA HIS A 37 -3.61 7.05 9.30
C HIS A 37 -2.83 6.85 10.59
N VAL A 38 -1.56 7.17 10.52
CA VAL A 38 -0.62 6.95 11.60
C VAL A 38 0.43 8.00 11.52
N ALA A 39 1.14 8.22 12.62
CA ALA A 39 2.22 9.18 12.66
C ALA A 39 3.38 8.66 11.82
N GLY A 40 3.26 8.93 10.57
CA GLY A 40 4.18 8.51 9.60
C GLY A 40 3.45 8.37 8.31
N ARG A 41 3.84 7.42 7.50
CA ARG A 41 3.18 7.20 6.22
C ARG A 41 3.04 5.74 5.97
N LYS A 42 1.83 5.28 5.87
CA LYS A 42 1.55 3.89 5.77
C LYS A 42 1.23 3.49 4.35
N CYS A 43 1.78 2.40 3.94
CA CYS A 43 1.55 1.84 2.64
C CYS A 43 0.35 0.93 2.66
N TYR A 44 -0.48 1.05 1.68
CA TYR A 44 -1.63 0.21 1.51
C TYR A 44 -1.67 -0.33 0.13
N CYS A 45 -2.14 -1.49 0.05
CA CYS A 45 -2.23 -2.18 -1.18
C CYS A 45 -3.61 -2.03 -1.73
N TYR A 46 -3.69 -1.79 -3.00
CA TYR A 46 -4.95 -1.57 -3.64
C TYR A 46 -5.27 -2.69 -4.55
N LYS A 47 -6.50 -3.12 -4.50
CA LYS A 47 -6.98 -4.19 -5.32
C LYS A 47 -8.44 -3.96 -5.67
N PRO A 48 -8.84 -4.33 -6.88
CA PRO A 48 -10.22 -4.16 -7.32
C PRO A 48 -11.17 -5.14 -6.66
N CYS A 49 -12.11 -4.59 -5.98
CA CYS A 49 -13.22 -5.29 -5.44
C CYS A 49 -14.43 -4.79 -6.22
N PRO A 50 -15.58 -5.46 -6.19
CA PRO A 50 -16.78 -4.98 -6.88
C PRO A 50 -17.24 -3.66 -6.29
N ARG A 1 -15.02 -1.56 -6.57
CA ARG A 1 -14.44 -0.94 -5.36
C ARG A 1 -12.95 -1.08 -5.31
N MET A 2 -12.33 -0.15 -4.62
CA MET A 2 -10.91 -0.18 -4.36
C MET A 2 -10.71 -0.58 -2.95
N CYS A 3 -10.25 -1.76 -2.78
CA CYS A 3 -9.97 -2.28 -1.49
C CYS A 3 -8.61 -1.84 -1.05
N LYS A 4 -8.58 -1.09 0.01
CA LYS A 4 -7.36 -0.61 0.56
C LYS A 4 -6.96 -1.54 1.69
N THR A 5 -5.93 -2.28 1.47
CA THR A 5 -5.45 -3.29 2.39
C THR A 5 -4.06 -2.89 2.96
N PRO A 6 -3.90 -2.91 4.28
CA PRO A 6 -2.62 -2.54 4.90
C PRO A 6 -1.53 -3.58 4.63
N SER A 7 -0.52 -3.13 3.92
CA SER A 7 0.67 -3.91 3.57
C SER A 7 1.32 -4.49 4.82
N GLY A 8 1.80 -5.70 4.72
CA GLY A 8 2.36 -6.37 5.87
C GLY A 8 3.88 -6.46 5.85
N LYS A 9 4.52 -6.29 4.71
CA LYS A 9 5.97 -6.45 4.67
C LYS A 9 6.64 -5.18 4.24
N PHE A 10 5.90 -4.12 4.30
CA PHE A 10 6.34 -2.83 3.91
C PHE A 10 7.50 -2.32 4.74
N LYS A 11 8.45 -1.76 4.05
CA LYS A 11 9.67 -1.26 4.61
C LYS A 11 9.93 0.19 4.24
N GLY A 12 10.07 1.01 5.26
CA GLY A 12 10.40 2.40 5.07
C GLY A 12 9.19 3.29 5.20
N TYR A 13 9.38 4.56 4.95
CA TYR A 13 8.29 5.51 4.97
C TYR A 13 7.59 5.52 3.63
N CYS A 14 6.29 5.59 3.65
CA CYS A 14 5.56 5.59 2.41
C CYS A 14 5.40 7.03 1.91
N VAL A 15 6.51 7.61 1.56
CA VAL A 15 6.51 8.92 0.95
C VAL A 15 6.43 8.75 -0.57
N ASN A 16 6.96 7.63 -1.04
CA ASN A 16 6.94 7.30 -2.45
C ASN A 16 5.98 6.16 -2.65
N ASN A 17 4.92 6.45 -3.39
CA ASN A 17 3.85 5.48 -3.66
C ASN A 17 4.36 4.27 -4.42
N THR A 18 5.38 4.47 -5.22
CA THR A 18 5.98 3.41 -6.00
C THR A 18 6.67 2.36 -5.09
N ASN A 19 7.10 2.78 -3.88
CA ASN A 19 7.74 1.85 -2.91
C ASN A 19 6.67 0.94 -2.40
N CYS A 20 5.56 1.56 -2.00
CA CYS A 20 4.36 0.87 -1.51
C CYS A 20 3.92 -0.08 -2.55
N LYS A 21 3.87 0.46 -3.75
CA LYS A 21 3.39 -0.19 -4.89
C LYS A 21 4.12 -1.48 -5.08
N ASN A 22 5.45 -1.41 -5.13
CA ASN A 22 6.29 -2.57 -5.39
C ASN A 22 6.16 -3.59 -4.29
N VAL A 23 6.05 -3.13 -3.07
CA VAL A 23 5.87 -4.04 -1.95
C VAL A 23 4.53 -4.74 -2.05
N CYS A 24 3.49 -3.98 -2.33
CA CYS A 24 2.16 -4.53 -2.53
C CYS A 24 2.13 -5.46 -3.73
N ARG A 25 2.81 -5.08 -4.79
CA ARG A 25 2.91 -5.90 -6.00
C ARG A 25 3.63 -7.20 -5.70
N THR A 26 4.55 -7.17 -4.75
CA THR A 26 5.25 -8.36 -4.34
C THR A 26 4.48 -9.17 -3.27
N GLU A 27 3.68 -8.48 -2.48
CA GLU A 27 2.75 -9.15 -1.53
C GLU A 27 1.66 -9.92 -2.29
N GLY A 28 1.17 -9.34 -3.36
CA GLY A 28 0.17 -10.00 -4.18
C GLY A 28 -0.97 -9.08 -4.53
N PHE A 29 -0.63 -7.85 -4.84
CA PHE A 29 -1.60 -6.84 -5.15
C PHE A 29 -1.22 -6.15 -6.43
N PRO A 30 -2.22 -5.69 -7.21
CA PRO A 30 -1.97 -4.97 -8.45
C PRO A 30 -1.19 -3.66 -8.23
N THR A 31 -1.46 -3.00 -7.11
CA THR A 31 -0.86 -1.74 -6.85
C THR A 31 -0.86 -1.44 -5.34
N GLY A 32 -0.17 -0.41 -4.97
CA GLY A 32 -0.05 0.01 -3.62
C GLY A 32 0.09 1.48 -3.64
N SER A 33 -0.31 2.11 -2.59
CA SER A 33 -0.31 3.54 -2.47
C SER A 33 -0.24 3.97 -1.00
N CYS A 34 0.22 5.17 -0.77
CA CYS A 34 0.50 5.64 0.56
C CYS A 34 -0.68 6.41 1.14
N ASP A 35 -1.10 5.98 2.30
CA ASP A 35 -2.27 6.52 2.97
C ASP A 35 -1.89 7.04 4.36
N PHE A 36 -2.78 7.78 4.98
CA PHE A 36 -2.55 8.34 6.26
C PHE A 36 -3.61 7.90 7.25
N HIS A 37 -3.18 7.17 8.24
CA HIS A 37 -4.06 6.77 9.32
C HIS A 37 -3.24 6.67 10.61
N VAL A 38 -1.98 7.08 10.51
CA VAL A 38 -1.00 6.97 11.57
C VAL A 38 -0.06 8.12 11.47
N ALA A 39 0.75 8.34 12.49
CA ALA A 39 1.73 9.40 12.49
C ALA A 39 2.85 9.09 11.50
N GLY A 40 2.57 9.39 10.28
CA GLY A 40 3.46 9.15 9.23
C GLY A 40 2.71 8.69 8.02
N ARG A 41 3.27 7.75 7.32
CA ARG A 41 2.68 7.26 6.11
C ARG A 41 2.52 5.77 6.18
N LYS A 42 1.36 5.27 5.88
CA LYS A 42 1.16 3.85 5.86
C LYS A 42 0.94 3.40 4.45
N CYS A 43 1.65 2.40 4.06
CA CYS A 43 1.47 1.79 2.78
C CYS A 43 0.20 0.94 2.81
N TYR A 44 -0.58 1.07 1.79
CA TYR A 44 -1.75 0.30 1.59
C TYR A 44 -1.77 -0.22 0.20
N CYS A 45 -2.21 -1.40 0.09
CA CYS A 45 -2.29 -2.06 -1.13
C CYS A 45 -3.68 -1.93 -1.67
N TYR A 46 -3.79 -1.71 -2.93
CA TYR A 46 -5.06 -1.52 -3.55
C TYR A 46 -5.37 -2.66 -4.47
N LYS A 47 -6.57 -3.13 -4.37
CA LYS A 47 -7.03 -4.22 -5.19
C LYS A 47 -8.51 -4.05 -5.47
N PRO A 48 -8.95 -4.43 -6.66
CA PRO A 48 -10.33 -4.32 -7.05
C PRO A 48 -11.22 -5.35 -6.37
N CYS A 49 -12.18 -4.85 -5.67
CA CYS A 49 -13.24 -5.62 -5.09
C CYS A 49 -14.49 -5.14 -5.78
N PRO A 50 -15.61 -5.88 -5.75
CA PRO A 50 -16.87 -5.40 -6.34
C PRO A 50 -17.34 -4.10 -5.68
N ARG A 1 -14.88 -1.84 -7.27
CA ARG A 1 -14.50 -1.10 -6.05
C ARG A 1 -13.00 -1.17 -5.88
N MET A 2 -12.45 -0.19 -5.23
CA MET A 2 -11.03 -0.16 -4.92
C MET A 2 -10.88 -0.45 -3.46
N CYS A 3 -10.29 -1.55 -3.20
CA CYS A 3 -10.02 -1.97 -1.85
C CYS A 3 -8.65 -1.52 -1.44
N LYS A 4 -8.61 -0.77 -0.37
CA LYS A 4 -7.38 -0.29 0.18
C LYS A 4 -7.03 -1.18 1.39
N THR A 5 -6.01 -1.96 1.23
CA THR A 5 -5.59 -2.96 2.21
C THR A 5 -4.18 -2.63 2.76
N PRO A 6 -4.00 -2.58 4.09
CA PRO A 6 -2.69 -2.28 4.69
C PRO A 6 -1.65 -3.36 4.44
N SER A 7 -0.54 -2.96 3.88
CA SER A 7 0.56 -3.85 3.55
C SER A 7 1.25 -4.35 4.82
N GLY A 8 1.66 -5.61 4.80
CA GLY A 8 2.25 -6.22 5.96
C GLY A 8 3.75 -6.00 6.03
N LYS A 9 4.45 -6.09 4.90
CA LYS A 9 5.89 -5.98 4.97
C LYS A 9 6.38 -4.60 4.82
N PHE A 10 5.45 -3.70 4.73
CA PHE A 10 5.79 -2.35 4.57
C PHE A 10 5.98 -1.67 5.90
N LYS A 11 7.17 -1.18 6.05
CA LYS A 11 7.57 -0.39 7.18
C LYS A 11 8.25 0.84 6.67
N GLY A 12 8.38 1.85 7.49
CA GLY A 12 9.08 3.03 7.08
C GLY A 12 8.16 4.14 6.69
N TYR A 13 8.50 4.81 5.63
CA TYR A 13 7.73 5.92 5.17
C TYR A 13 7.26 5.75 3.76
N CYS A 14 5.98 5.65 3.59
CA CYS A 14 5.40 5.60 2.29
C CYS A 14 5.18 7.03 1.79
N VAL A 15 6.28 7.70 1.55
CA VAL A 15 6.28 9.01 0.93
C VAL A 15 5.98 8.89 -0.57
N ASN A 16 6.42 7.80 -1.16
CA ASN A 16 6.27 7.56 -2.58
C ASN A 16 5.47 6.31 -2.83
N ASN A 17 4.37 6.49 -3.55
CA ASN A 17 3.42 5.43 -3.90
C ASN A 17 4.08 4.29 -4.64
N THR A 18 5.17 4.58 -5.32
CA THR A 18 5.88 3.59 -6.08
C THR A 18 6.54 2.52 -5.15
N ASN A 19 6.91 2.92 -3.93
CA ASN A 19 7.55 1.98 -3.01
C ASN A 19 6.48 1.09 -2.48
N CYS A 20 5.33 1.70 -2.21
CA CYS A 20 4.14 1.01 -1.74
C CYS A 20 3.76 0.01 -2.77
N LYS A 21 3.72 0.50 -4.00
CA LYS A 21 3.32 -0.23 -5.11
C LYS A 21 4.15 -1.49 -5.20
N ASN A 22 5.46 -1.33 -5.12
CA ASN A 22 6.39 -2.47 -5.21
C ASN A 22 6.14 -3.46 -4.10
N VAL A 23 6.06 -2.96 -2.87
CA VAL A 23 5.82 -3.82 -1.72
C VAL A 23 4.49 -4.56 -1.86
N CYS A 24 3.46 -3.86 -2.29
CA CYS A 24 2.13 -4.44 -2.53
C CYS A 24 2.17 -5.46 -3.65
N ARG A 25 2.92 -5.19 -4.67
CA ARG A 25 3.05 -6.11 -5.79
C ARG A 25 3.84 -7.34 -5.35
N THR A 26 4.67 -7.16 -4.33
CA THR A 26 5.42 -8.25 -3.73
C THR A 26 4.51 -9.02 -2.70
N GLU A 27 3.54 -8.30 -2.11
CA GLU A 27 2.52 -8.93 -1.26
C GLU A 27 1.58 -9.80 -2.10
N GLY A 28 1.20 -9.30 -3.25
CA GLY A 28 0.32 -10.03 -4.14
C GLY A 28 -0.84 -9.17 -4.56
N PHE A 29 -0.57 -7.90 -4.74
CA PHE A 29 -1.58 -6.95 -5.12
C PHE A 29 -1.18 -6.31 -6.43
N PRO A 30 -2.17 -5.90 -7.24
CA PRO A 30 -1.91 -5.23 -8.51
C PRO A 30 -1.14 -3.92 -8.34
N THR A 31 -1.48 -3.17 -7.30
CA THR A 31 -0.88 -1.89 -7.09
C THR A 31 -0.93 -1.52 -5.61
N GLY A 32 -0.31 -0.43 -5.28
CA GLY A 32 -0.24 0.04 -3.93
C GLY A 32 -0.10 1.53 -3.94
N SER A 33 -0.56 2.13 -2.89
CA SER A 33 -0.56 3.56 -2.73
C SER A 33 -0.52 3.94 -1.23
N CYS A 34 -0.01 5.10 -0.93
CA CYS A 34 0.27 5.47 0.43
C CYS A 34 -0.93 6.10 1.11
N ASP A 35 -0.92 6.04 2.41
CA ASP A 35 -2.00 6.49 3.25
C ASP A 35 -1.44 7.03 4.55
N PHE A 36 -2.19 7.86 5.21
CA PHE A 36 -1.78 8.46 6.44
C PHE A 36 -2.82 8.09 7.46
N HIS A 37 -2.47 7.22 8.35
CA HIS A 37 -3.38 6.83 9.41
C HIS A 37 -2.59 6.68 10.69
N VAL A 38 -1.35 7.07 10.61
CA VAL A 38 -0.37 6.93 11.67
C VAL A 38 0.58 8.05 11.52
N ALA A 39 1.40 8.31 12.53
CA ALA A 39 2.40 9.39 12.46
C ALA A 39 3.36 9.19 11.29
N GLY A 40 3.58 7.94 10.94
CA GLY A 40 4.38 7.63 9.81
C GLY A 40 3.53 7.51 8.55
N ARG A 41 4.10 7.04 7.51
CA ARG A 41 3.40 6.94 6.26
C ARG A 41 3.23 5.50 5.89
N LYS A 42 2.00 5.08 5.81
CA LYS A 42 1.71 3.70 5.63
C LYS A 42 1.35 3.42 4.19
N CYS A 43 1.64 2.24 3.78
CA CYS A 43 1.37 1.76 2.46
C CYS A 43 0.12 0.93 2.50
N TYR A 44 -0.71 1.09 1.50
CA TYR A 44 -1.90 0.35 1.34
C TYR A 44 -2.00 -0.15 -0.06
N CYS A 45 -2.36 -1.33 -0.15
CA CYS A 45 -2.46 -2.00 -1.39
C CYS A 45 -3.84 -1.85 -1.94
N TYR A 46 -3.91 -1.68 -3.23
CA TYR A 46 -5.17 -1.51 -3.89
C TYR A 46 -5.47 -2.69 -4.75
N LYS A 47 -6.68 -3.14 -4.65
CA LYS A 47 -7.13 -4.27 -5.42
C LYS A 47 -8.61 -4.10 -5.77
N PRO A 48 -9.01 -4.58 -6.94
CA PRO A 48 -10.39 -4.50 -7.37
C PRO A 48 -11.29 -5.49 -6.64
N CYS A 49 -12.21 -4.95 -5.91
CA CYS A 49 -13.26 -5.69 -5.28
C CYS A 49 -14.53 -5.28 -6.02
N PRO A 50 -15.69 -5.95 -5.82
CA PRO A 50 -16.97 -5.52 -6.44
C PRO A 50 -17.35 -4.08 -6.04
N ARG A 1 -14.90 -1.41 -6.82
CA ARG A 1 -14.34 -0.83 -5.60
C ARG A 1 -12.83 -0.96 -5.55
N MET A 2 -12.22 -0.07 -4.81
CA MET A 2 -10.80 -0.08 -4.56
C MET A 2 -10.60 -0.43 -3.13
N CYS A 3 -10.28 -1.64 -2.91
CA CYS A 3 -10.05 -2.15 -1.59
C CYS A 3 -8.67 -1.77 -1.11
N LYS A 4 -8.63 -0.96 -0.09
CA LYS A 4 -7.40 -0.51 0.49
C LYS A 4 -7.04 -1.46 1.66
N THR A 5 -6.01 -2.21 1.47
CA THR A 5 -5.56 -3.21 2.39
C THR A 5 -4.18 -2.81 2.98
N PRO A 6 -3.98 -2.87 4.30
CA PRO A 6 -2.71 -2.51 4.91
C PRO A 6 -1.63 -3.55 4.65
N SER A 7 -0.62 -3.14 3.91
CA SER A 7 0.54 -3.97 3.54
C SER A 7 1.23 -4.50 4.80
N GLY A 8 1.73 -5.70 4.72
CA GLY A 8 2.31 -6.34 5.86
C GLY A 8 3.83 -6.41 5.87
N LYS A 9 4.49 -6.32 4.72
CA LYS A 9 5.92 -6.52 4.76
C LYS A 9 6.65 -5.24 4.54
N PHE A 10 5.88 -4.27 4.24
CA PHE A 10 6.33 -2.90 4.13
C PHE A 10 6.78 -2.40 5.48
N LYS A 11 7.78 -1.60 5.43
CA LYS A 11 8.34 -0.94 6.56
C LYS A 11 9.07 0.31 6.08
N GLY A 12 8.82 1.41 6.72
CA GLY A 12 9.48 2.63 6.34
C GLY A 12 8.49 3.70 5.98
N TYR A 13 8.99 4.79 5.44
CA TYR A 13 8.15 5.90 5.07
C TYR A 13 7.60 5.78 3.68
N CYS A 14 6.30 5.65 3.59
CA CYS A 14 5.65 5.58 2.32
C CYS A 14 5.41 7.00 1.78
N VAL A 15 6.48 7.63 1.37
CA VAL A 15 6.40 8.92 0.73
C VAL A 15 6.17 8.77 -0.77
N ASN A 16 6.72 7.70 -1.34
CA ASN A 16 6.57 7.44 -2.76
C ASN A 16 5.62 6.26 -2.92
N ASN A 17 4.52 6.49 -3.60
CA ASN A 17 3.50 5.47 -3.83
C ASN A 17 4.04 4.28 -4.60
N THR A 18 5.04 4.53 -5.41
CA THR A 18 5.69 3.51 -6.23
C THR A 18 6.41 2.47 -5.33
N ASN A 19 6.86 2.88 -4.13
CA ASN A 19 7.55 1.97 -3.22
C ASN A 19 6.54 1.03 -2.64
N CYS A 20 5.42 1.63 -2.20
CA CYS A 20 4.28 0.89 -1.67
C CYS A 20 3.82 -0.07 -2.68
N LYS A 21 3.76 0.45 -3.89
CA LYS A 21 3.29 -0.22 -5.01
C LYS A 21 4.06 -1.50 -5.17
N ASN A 22 5.38 -1.39 -5.23
CA ASN A 22 6.26 -2.53 -5.45
C ASN A 22 6.14 -3.53 -4.34
N VAL A 23 6.11 -3.03 -3.13
CA VAL A 23 5.96 -3.86 -1.96
C VAL A 23 4.66 -4.65 -2.01
N CYS A 24 3.57 -3.96 -2.29
CA CYS A 24 2.25 -4.56 -2.43
C CYS A 24 2.19 -5.53 -3.61
N ARG A 25 2.85 -5.17 -4.69
CA ARG A 25 2.92 -6.04 -5.86
C ARG A 25 3.68 -7.32 -5.51
N THR A 26 4.62 -7.20 -4.59
CA THR A 26 5.38 -8.34 -4.10
C THR A 26 4.60 -9.06 -2.93
N GLU A 27 3.55 -8.43 -2.41
CA GLU A 27 2.67 -9.09 -1.42
C GLU A 27 1.56 -9.87 -2.13
N GLY A 28 1.21 -9.42 -3.33
CA GLY A 28 0.21 -10.10 -4.11
C GLY A 28 -0.92 -9.16 -4.49
N PHE A 29 -0.59 -7.92 -4.71
CA PHE A 29 -1.57 -6.92 -5.04
C PHE A 29 -1.19 -6.25 -6.33
N PRO A 30 -2.18 -5.80 -7.11
CA PRO A 30 -1.95 -5.10 -8.37
C PRO A 30 -1.21 -3.78 -8.17
N THR A 31 -1.49 -3.10 -7.07
CA THR A 31 -0.91 -1.83 -6.84
C THR A 31 -0.91 -1.52 -5.34
N GLY A 32 -0.23 -0.47 -5.00
CA GLY A 32 -0.12 -0.04 -3.65
C GLY A 32 0.00 1.43 -3.68
N SER A 33 -0.38 2.06 -2.63
CA SER A 33 -0.40 3.49 -2.52
C SER A 33 -0.29 3.92 -1.04
N CYS A 34 0.23 5.08 -0.82
CA CYS A 34 0.55 5.54 0.51
C CYS A 34 -0.61 6.34 1.11
N ASP A 35 -1.01 5.95 2.29
CA ASP A 35 -2.16 6.52 2.97
C ASP A 35 -1.77 6.97 4.38
N PHE A 36 -2.63 7.70 5.03
CA PHE A 36 -2.38 8.23 6.35
C PHE A 36 -3.42 7.74 7.35
N HIS A 37 -2.93 7.04 8.34
CA HIS A 37 -3.77 6.60 9.44
C HIS A 37 -2.91 6.51 10.71
N VAL A 38 -1.67 6.94 10.59
CA VAL A 38 -0.67 6.85 11.63
C VAL A 38 0.25 8.02 11.53
N ALA A 39 1.05 8.26 12.55
CA ALA A 39 2.02 9.33 12.52
C ALA A 39 3.15 8.96 11.57
N GLY A 40 2.89 9.18 10.34
CA GLY A 40 3.79 8.87 9.30
C GLY A 40 3.02 8.46 8.08
N ARG A 41 3.59 7.62 7.29
CA ARG A 41 2.98 7.18 6.08
C ARG A 41 2.84 5.69 6.08
N LYS A 42 1.64 5.21 5.82
CA LYS A 42 1.42 3.81 5.78
C LYS A 42 1.15 3.39 4.36
N CYS A 43 1.80 2.35 3.96
CA CYS A 43 1.57 1.76 2.69
C CYS A 43 0.29 0.94 2.76
N TYR A 44 -0.54 1.08 1.77
CA TYR A 44 -1.71 0.30 1.61
C TYR A 44 -1.77 -0.23 0.23
N CYS A 45 -2.21 -1.40 0.13
CA CYS A 45 -2.31 -2.08 -1.10
C CYS A 45 -3.70 -1.93 -1.63
N TYR A 46 -3.81 -1.73 -2.90
CA TYR A 46 -5.07 -1.55 -3.52
C TYR A 46 -5.39 -2.69 -4.42
N LYS A 47 -6.58 -3.16 -4.31
CA LYS A 47 -7.04 -4.25 -5.11
C LYS A 47 -8.50 -4.06 -5.47
N PRO A 48 -8.85 -4.34 -6.72
CA PRO A 48 -10.21 -4.19 -7.20
C PRO A 48 -11.14 -5.25 -6.64
N CYS A 49 -12.10 -4.77 -5.94
CA CYS A 49 -13.20 -5.56 -5.45
C CYS A 49 -14.44 -5.01 -6.11
N PRO A 50 -15.58 -5.71 -6.11
CA PRO A 50 -16.82 -5.20 -6.72
C PRO A 50 -17.29 -3.94 -6.01
N ARG A 1 -14.88 -1.52 -7.29
CA ARG A 1 -14.29 -0.76 -6.17
C ARG A 1 -12.80 -0.96 -6.06
N MET A 2 -12.15 -0.04 -5.38
CA MET A 2 -10.75 -0.11 -5.04
C MET A 2 -10.66 -0.37 -3.59
N CYS A 3 -10.31 -1.56 -3.29
CA CYS A 3 -10.17 -1.99 -1.96
C CYS A 3 -8.79 -1.69 -1.44
N LYS A 4 -8.75 -0.83 -0.44
CA LYS A 4 -7.52 -0.41 0.15
C LYS A 4 -7.21 -1.31 1.33
N THR A 5 -6.19 -2.10 1.19
CA THR A 5 -5.77 -3.08 2.15
C THR A 5 -4.39 -2.72 2.73
N PRO A 6 -4.22 -2.73 4.05
CA PRO A 6 -2.95 -2.36 4.68
C PRO A 6 -1.82 -3.36 4.36
N SER A 7 -0.66 -2.81 3.96
CA SER A 7 0.54 -3.59 3.65
C SER A 7 1.02 -4.38 4.86
N GLY A 8 1.52 -5.57 4.62
CA GLY A 8 2.00 -6.40 5.68
C GLY A 8 3.51 -6.34 5.86
N LYS A 9 4.27 -6.16 4.77
CA LYS A 9 5.71 -6.21 4.87
C LYS A 9 6.37 -4.93 4.46
N PHE A 10 5.60 -3.89 4.46
CA PHE A 10 6.06 -2.61 4.08
C PHE A 10 7.12 -2.06 5.01
N LYS A 11 8.14 -1.52 4.39
CA LYS A 11 9.29 -1.02 5.05
C LYS A 11 9.55 0.45 4.76
N GLY A 12 9.51 1.25 5.80
CA GLY A 12 9.85 2.63 5.70
C GLY A 12 8.65 3.54 5.61
N TYR A 13 8.89 4.73 5.14
CA TYR A 13 7.86 5.72 4.97
C TYR A 13 7.22 5.60 3.61
N CYS A 14 5.92 5.72 3.55
CA CYS A 14 5.25 5.67 2.29
C CYS A 14 5.09 7.10 1.77
N VAL A 15 6.20 7.72 1.50
CA VAL A 15 6.26 9.02 0.85
C VAL A 15 5.95 8.89 -0.64
N ASN A 16 6.36 7.78 -1.23
CA ASN A 16 6.18 7.54 -2.65
C ASN A 16 5.34 6.30 -2.82
N ASN A 17 4.26 6.45 -3.55
CA ASN A 17 3.32 5.37 -3.86
C ASN A 17 4.01 4.19 -4.52
N THR A 18 5.08 4.47 -5.22
CA THR A 18 5.83 3.45 -5.92
C THR A 18 6.56 2.47 -4.95
N ASN A 19 6.93 2.92 -3.76
CA ASN A 19 7.58 2.06 -2.77
C ASN A 19 6.52 1.09 -2.28
N CYS A 20 5.35 1.66 -1.98
CA CYS A 20 4.17 0.92 -1.54
C CYS A 20 3.84 -0.07 -2.58
N LYS A 21 3.74 0.45 -3.79
CA LYS A 21 3.32 -0.25 -4.94
C LYS A 21 4.12 -1.52 -5.07
N ASN A 22 5.44 -1.38 -5.07
CA ASN A 22 6.33 -2.51 -5.24
C ASN A 22 6.17 -3.51 -4.13
N VAL A 23 6.03 -3.02 -2.90
CA VAL A 23 5.83 -3.91 -1.76
C VAL A 23 4.49 -4.64 -1.87
N CYS A 24 3.46 -3.94 -2.26
CA CYS A 24 2.16 -4.52 -2.47
C CYS A 24 2.18 -5.51 -3.62
N ARG A 25 2.87 -5.17 -4.69
CA ARG A 25 3.01 -6.03 -5.85
C ARG A 25 3.78 -7.30 -5.51
N THR A 26 4.69 -7.21 -4.54
CA THR A 26 5.40 -8.38 -4.07
C THR A 26 4.58 -9.20 -3.05
N GLU A 27 3.75 -8.53 -2.30
CA GLU A 27 2.80 -9.21 -1.38
C GLU A 27 1.72 -9.98 -2.13
N GLY A 28 1.30 -9.45 -3.26
CA GLY A 28 0.30 -10.12 -4.08
C GLY A 28 -0.83 -9.21 -4.45
N PHE A 29 -0.51 -7.96 -4.70
CA PHE A 29 -1.49 -6.97 -5.04
C PHE A 29 -1.11 -6.35 -6.35
N PRO A 30 -2.11 -5.92 -7.14
CA PRO A 30 -1.85 -5.26 -8.42
C PRO A 30 -1.11 -3.94 -8.25
N THR A 31 -1.40 -3.21 -7.18
CA THR A 31 -0.83 -1.93 -6.99
C THR A 31 -0.87 -1.55 -5.51
N GLY A 32 -0.30 -0.42 -5.18
CA GLY A 32 -0.22 0.04 -3.85
C GLY A 32 -0.07 1.52 -3.86
N SER A 33 -0.50 2.14 -2.81
CA SER A 33 -0.50 3.57 -2.68
C SER A 33 -0.47 3.98 -1.19
N CYS A 34 -0.08 5.18 -0.92
CA CYS A 34 0.17 5.63 0.42
C CYS A 34 -1.05 6.28 1.05
N ASP A 35 -1.09 6.22 2.36
CA ASP A 35 -2.19 6.72 3.16
C ASP A 35 -1.65 7.22 4.49
N PHE A 36 -2.38 8.09 5.12
CA PHE A 36 -2.02 8.66 6.37
C PHE A 36 -3.09 8.36 7.38
N HIS A 37 -2.75 7.52 8.31
CA HIS A 37 -3.67 7.17 9.35
C HIS A 37 -2.87 6.93 10.64
N VAL A 38 -1.59 7.23 10.56
CA VAL A 38 -0.64 6.96 11.63
C VAL A 38 0.43 8.00 11.62
N ALA A 39 1.19 8.08 12.70
CA ALA A 39 2.31 9.00 12.78
C ALA A 39 3.43 8.47 11.91
N GLY A 40 3.31 8.77 10.66
CA GLY A 40 4.20 8.35 9.67
C GLY A 40 3.45 8.27 8.38
N ARG A 41 3.82 7.36 7.51
CA ARG A 41 3.14 7.20 6.24
C ARG A 41 2.96 5.75 5.95
N LYS A 42 1.72 5.32 5.84
CA LYS A 42 1.41 3.94 5.74
C LYS A 42 1.05 3.56 4.32
N CYS A 43 1.61 2.49 3.88
CA CYS A 43 1.34 1.93 2.58
C CYS A 43 0.09 1.07 2.61
N TYR A 44 -0.72 1.21 1.62
CA TYR A 44 -1.88 0.41 1.44
C TYR A 44 -1.91 -0.13 0.06
N CYS A 45 -2.29 -1.31 -0.03
CA CYS A 45 -2.32 -2.01 -1.23
C CYS A 45 -3.71 -1.94 -1.81
N TYR A 46 -3.79 -1.70 -3.07
CA TYR A 46 -5.05 -1.56 -3.71
C TYR A 46 -5.34 -2.74 -4.57
N LYS A 47 -6.55 -3.21 -4.47
CA LYS A 47 -7.00 -4.33 -5.22
C LYS A 47 -8.46 -4.16 -5.57
N PRO A 48 -8.84 -4.55 -6.76
CA PRO A 48 -10.21 -4.43 -7.22
C PRO A 48 -11.15 -5.40 -6.51
N CYS A 49 -12.21 -4.86 -6.05
CA CYS A 49 -13.29 -5.59 -5.49
C CYS A 49 -14.52 -5.07 -6.18
N PRO A 50 -15.64 -5.81 -6.22
CA PRO A 50 -16.87 -5.32 -6.87
C PRO A 50 -17.35 -4.04 -6.21
N ARG A 1 -14.67 -1.60 -7.17
CA ARG A 1 -14.28 -0.98 -5.89
C ARG A 1 -12.79 -1.12 -5.63
N MET A 2 -12.25 -0.13 -5.00
CA MET A 2 -10.85 -0.09 -4.63
C MET A 2 -10.71 -0.51 -3.20
N CYS A 3 -10.24 -1.69 -3.02
CA CYS A 3 -10.00 -2.22 -1.71
C CYS A 3 -8.65 -1.79 -1.23
N LYS A 4 -8.64 -1.04 -0.15
CA LYS A 4 -7.43 -0.59 0.43
C LYS A 4 -7.06 -1.54 1.57
N THR A 5 -6.04 -2.29 1.37
CA THR A 5 -5.59 -3.31 2.28
C THR A 5 -4.24 -2.90 2.91
N PRO A 6 -4.09 -2.98 4.24
CA PRO A 6 -2.84 -2.64 4.90
C PRO A 6 -1.71 -3.61 4.54
N SER A 7 -0.61 -3.06 4.08
CA SER A 7 0.57 -3.82 3.70
C SER A 7 1.18 -4.56 4.89
N GLY A 8 1.65 -5.76 4.66
CA GLY A 8 2.18 -6.57 5.70
C GLY A 8 3.69 -6.56 5.80
N LYS A 9 4.40 -6.43 4.68
CA LYS A 9 5.84 -6.56 4.74
C LYS A 9 6.50 -5.27 4.46
N PHE A 10 5.68 -4.33 4.21
CA PHE A 10 6.08 -2.96 4.13
C PHE A 10 6.31 -2.44 5.52
N LYS A 11 7.43 -1.85 5.70
CA LYS A 11 7.79 -1.16 6.90
C LYS A 11 8.81 -0.09 6.63
N GLY A 12 8.34 1.13 6.60
CA GLY A 12 9.17 2.26 6.32
C GLY A 12 8.30 3.42 5.94
N TYR A 13 8.90 4.51 5.54
CA TYR A 13 8.16 5.69 5.16
C TYR A 13 7.61 5.58 3.76
N CYS A 14 6.31 5.45 3.65
CA CYS A 14 5.66 5.39 2.36
C CYS A 14 5.49 6.81 1.82
N VAL A 15 6.57 7.41 1.44
CA VAL A 15 6.54 8.72 0.81
C VAL A 15 5.83 8.62 -0.54
N ASN A 16 6.40 7.81 -1.41
CA ASN A 16 5.96 7.66 -2.77
C ASN A 16 5.13 6.40 -2.93
N ASN A 17 4.09 6.51 -3.72
CA ASN A 17 3.17 5.40 -3.95
C ASN A 17 3.85 4.24 -4.65
N THR A 18 4.87 4.54 -5.43
CA THR A 18 5.61 3.56 -6.21
C THR A 18 6.35 2.50 -5.29
N ASN A 19 6.86 2.91 -4.11
CA ASN A 19 7.53 1.96 -3.22
C ASN A 19 6.51 1.05 -2.60
N CYS A 20 5.39 1.64 -2.22
CA CYS A 20 4.26 0.93 -1.66
C CYS A 20 3.80 -0.06 -2.65
N LYS A 21 3.72 0.45 -3.86
CA LYS A 21 3.23 -0.23 -4.98
C LYS A 21 4.00 -1.51 -5.13
N ASN A 22 5.32 -1.39 -5.19
CA ASN A 22 6.21 -2.52 -5.41
C ASN A 22 6.11 -3.52 -4.31
N VAL A 23 6.08 -3.03 -3.09
CA VAL A 23 5.97 -3.88 -1.93
C VAL A 23 4.66 -4.67 -1.98
N CYS A 24 3.57 -3.97 -2.24
CA CYS A 24 2.24 -4.56 -2.37
C CYS A 24 2.18 -5.52 -3.56
N ARG A 25 2.85 -5.17 -4.64
CA ARG A 25 2.92 -6.03 -5.81
C ARG A 25 3.66 -7.32 -5.47
N THR A 26 4.61 -7.21 -4.55
CA THR A 26 5.36 -8.36 -4.09
C THR A 26 4.58 -9.09 -2.92
N GLU A 27 3.52 -8.46 -2.40
CA GLU A 27 2.64 -9.11 -1.42
C GLU A 27 1.53 -9.88 -2.14
N GLY A 28 1.17 -9.41 -3.31
CA GLY A 28 0.15 -10.07 -4.11
C GLY A 28 -0.95 -9.12 -4.50
N PHE A 29 -0.59 -7.88 -4.71
CA PHE A 29 -1.55 -6.87 -5.06
C PHE A 29 -1.15 -6.20 -6.34
N PRO A 30 -2.12 -5.76 -7.14
CA PRO A 30 -1.84 -5.07 -8.40
C PRO A 30 -1.11 -3.74 -8.20
N THR A 31 -1.38 -3.07 -7.08
CA THR A 31 -0.81 -1.80 -6.84
C THR A 31 -0.86 -1.48 -5.35
N GLY A 32 -0.21 -0.41 -4.99
CA GLY A 32 -0.14 0.02 -3.65
C GLY A 32 -0.01 1.50 -3.68
N SER A 33 -0.39 2.12 -2.62
CA SER A 33 -0.39 3.55 -2.48
C SER A 33 -0.34 3.94 -0.99
N CYS A 34 0.12 5.13 -0.72
CA CYS A 34 0.39 5.54 0.63
C CYS A 34 -0.80 6.28 1.22
N ASP A 35 -1.07 6.00 2.47
CA ASP A 35 -2.20 6.53 3.19
C ASP A 35 -1.73 7.06 4.54
N PHE A 36 -2.53 7.87 5.16
CA PHE A 36 -2.22 8.46 6.43
C PHE A 36 -3.24 8.07 7.46
N HIS A 37 -2.80 7.28 8.40
CA HIS A 37 -3.63 6.90 9.51
C HIS A 37 -2.75 6.74 10.74
N VAL A 38 -1.49 7.09 10.58
CA VAL A 38 -0.47 6.92 11.60
C VAL A 38 0.51 8.05 11.47
N ALA A 39 1.35 8.23 12.48
CA ALA A 39 2.35 9.26 12.46
C ALA A 39 3.44 8.91 11.46
N GLY A 40 3.16 9.23 10.24
CA GLY A 40 4.02 8.96 9.16
C GLY A 40 3.21 8.60 7.96
N ARG A 41 3.69 7.69 7.18
CA ARG A 41 3.02 7.27 5.98
C ARG A 41 2.85 5.77 5.99
N LYS A 42 1.65 5.30 5.82
CA LYS A 42 1.40 3.89 5.83
C LYS A 42 1.01 3.44 4.44
N CYS A 43 1.73 2.47 3.96
CA CYS A 43 1.48 1.87 2.69
C CYS A 43 0.24 1.00 2.73
N TYR A 44 -0.57 1.12 1.74
CA TYR A 44 -1.73 0.31 1.58
C TYR A 44 -1.77 -0.23 0.20
N CYS A 45 -2.21 -1.40 0.10
CA CYS A 45 -2.26 -2.09 -1.10
C CYS A 45 -3.65 -1.97 -1.67
N TYR A 46 -3.74 -1.73 -2.93
CA TYR A 46 -5.00 -1.54 -3.57
C TYR A 46 -5.27 -2.67 -4.51
N LYS A 47 -6.49 -3.13 -4.46
CA LYS A 47 -6.91 -4.23 -5.28
C LYS A 47 -8.37 -4.06 -5.66
N PRO A 48 -8.75 -4.46 -6.87
CA PRO A 48 -10.11 -4.35 -7.33
C PRO A 48 -11.03 -5.39 -6.68
N CYS A 49 -12.00 -4.89 -6.03
CA CYS A 49 -13.08 -5.68 -5.50
C CYS A 49 -14.32 -5.17 -6.22
N PRO A 50 -15.48 -5.82 -6.12
CA PRO A 50 -16.72 -5.30 -6.72
C PRO A 50 -17.05 -3.92 -6.15
N ARG A 1 -15.09 -1.92 -6.83
CA ARG A 1 -14.54 -1.24 -5.65
C ARG A 1 -13.03 -1.32 -5.61
N MET A 2 -12.43 -0.35 -4.95
CA MET A 2 -11.01 -0.31 -4.70
C MET A 2 -10.78 -0.59 -3.26
N CYS A 3 -10.44 -1.80 -3.01
CA CYS A 3 -10.18 -2.24 -1.68
C CYS A 3 -8.80 -1.82 -1.24
N LYS A 4 -8.75 -0.96 -0.26
CA LYS A 4 -7.50 -0.49 0.26
C LYS A 4 -7.13 -1.40 1.44
N THR A 5 -6.11 -2.18 1.23
CA THR A 5 -5.66 -3.19 2.15
C THR A 5 -4.33 -2.76 2.80
N PRO A 6 -4.18 -2.84 4.13
CA PRO A 6 -2.94 -2.46 4.78
C PRO A 6 -1.83 -3.48 4.52
N SER A 7 -0.79 -3.03 3.85
CA SER A 7 0.36 -3.85 3.49
C SER A 7 1.02 -4.46 4.72
N GLY A 8 1.41 -5.71 4.60
CA GLY A 8 1.96 -6.43 5.70
C GLY A 8 3.46 -6.36 5.79
N LYS A 9 4.16 -6.24 4.67
CA LYS A 9 5.58 -6.27 4.75
C LYS A 9 6.19 -4.93 4.59
N PHE A 10 5.34 -3.94 4.55
CA PHE A 10 5.78 -2.60 4.44
C PHE A 10 6.15 -2.06 5.77
N LYS A 11 7.37 -1.74 5.90
CA LYS A 11 7.94 -1.08 7.01
C LYS A 11 8.67 0.15 6.51
N GLY A 12 8.47 1.25 7.17
CA GLY A 12 9.15 2.46 6.80
C GLY A 12 8.19 3.55 6.42
N TYR A 13 8.68 4.54 5.73
CA TYR A 13 7.89 5.66 5.30
C TYR A 13 7.40 5.51 3.88
N CYS A 14 6.12 5.57 3.71
CA CYS A 14 5.54 5.51 2.40
C CYS A 14 5.39 6.93 1.86
N VAL A 15 6.51 7.61 1.74
CA VAL A 15 6.59 8.92 1.11
C VAL A 15 6.37 8.80 -0.39
N ASN A 16 6.82 7.70 -0.93
CA ASN A 16 6.77 7.44 -2.35
C ASN A 16 5.79 6.33 -2.61
N ASN A 17 4.80 6.64 -3.42
CA ASN A 17 3.74 5.70 -3.81
C ASN A 17 4.31 4.51 -4.55
N THR A 18 5.43 4.71 -5.20
CA THR A 18 6.09 3.66 -5.90
C THR A 18 6.64 2.59 -4.93
N ASN A 19 7.02 3.01 -3.71
CA ASN A 19 7.45 2.05 -2.67
C ASN A 19 6.33 1.11 -2.41
N CYS A 20 5.20 1.71 -2.10
CA CYS A 20 4.00 1.01 -1.74
C CYS A 20 3.64 0.09 -2.83
N LYS A 21 3.64 0.64 -4.03
CA LYS A 21 3.25 -0.06 -5.17
C LYS A 21 4.08 -1.32 -5.30
N ASN A 22 5.39 -1.19 -5.14
CA ASN A 22 6.29 -2.33 -5.30
C ASN A 22 6.09 -3.35 -4.20
N VAL A 23 5.96 -2.88 -2.97
CA VAL A 23 5.77 -3.75 -1.83
C VAL A 23 4.42 -4.50 -1.94
N CYS A 24 3.41 -3.80 -2.39
CA CYS A 24 2.11 -4.39 -2.62
C CYS A 24 2.14 -5.40 -3.76
N ARG A 25 2.85 -5.06 -4.82
CA ARG A 25 2.98 -5.95 -5.97
C ARG A 25 3.76 -7.20 -5.61
N THR A 26 4.65 -7.08 -4.64
CA THR A 26 5.39 -8.23 -4.16
C THR A 26 4.60 -9.07 -3.14
N GLU A 27 3.74 -8.40 -2.38
CA GLU A 27 2.81 -9.11 -1.46
C GLU A 27 1.75 -9.89 -2.24
N GLY A 28 1.36 -9.38 -3.39
CA GLY A 28 0.40 -10.08 -4.21
C GLY A 28 -0.78 -9.22 -4.57
N PHE A 29 -0.52 -7.96 -4.78
CA PHE A 29 -1.54 -7.01 -5.10
C PHE A 29 -1.22 -6.35 -6.42
N PRO A 30 -2.24 -5.96 -7.19
CA PRO A 30 -2.04 -5.28 -8.46
C PRO A 30 -1.29 -3.95 -8.30
N THR A 31 -1.59 -3.22 -7.24
CA THR A 31 -1.01 -1.93 -7.06
C THR A 31 -1.06 -1.55 -5.57
N GLY A 32 -0.44 -0.44 -5.26
CA GLY A 32 -0.39 0.06 -3.92
C GLY A 32 -0.22 1.56 -3.93
N SER A 33 -0.65 2.19 -2.88
CA SER A 33 -0.58 3.63 -2.74
C SER A 33 -0.47 3.97 -1.26
N CYS A 34 0.11 5.11 -0.96
CA CYS A 34 0.38 5.48 0.40
C CYS A 34 -0.81 6.18 1.01
N ASP A 35 -0.88 6.13 2.31
CA ASP A 35 -1.98 6.65 3.07
C ASP A 35 -1.47 7.23 4.38
N PHE A 36 -2.18 8.17 4.91
CA PHE A 36 -1.82 8.80 6.14
C PHE A 36 -2.93 8.57 7.14
N HIS A 37 -2.66 7.69 8.06
CA HIS A 37 -3.62 7.38 9.08
C HIS A 37 -2.89 7.13 10.40
N VAL A 38 -1.59 7.36 10.38
CA VAL A 38 -0.70 7.08 11.50
C VAL A 38 0.40 8.09 11.50
N ALA A 39 1.13 8.18 12.61
CA ALA A 39 2.26 9.07 12.71
C ALA A 39 3.41 8.52 11.87
N GLY A 40 3.32 8.78 10.62
CA GLY A 40 4.23 8.33 9.65
C GLY A 40 3.52 8.23 8.34
N ARG A 41 3.89 7.29 7.52
CA ARG A 41 3.25 7.12 6.23
C ARG A 41 3.06 5.67 5.96
N LYS A 42 1.82 5.25 5.84
CA LYS A 42 1.50 3.88 5.72
C LYS A 42 1.22 3.52 4.27
N CYS A 43 1.56 2.33 3.91
CA CYS A 43 1.32 1.81 2.59
C CYS A 43 0.07 0.98 2.62
N TYR A 44 -0.70 1.08 1.57
CA TYR A 44 -1.88 0.32 1.39
C TYR A 44 -1.94 -0.22 -0.01
N CYS A 45 -2.34 -1.41 -0.09
CA CYS A 45 -2.42 -2.11 -1.31
C CYS A 45 -3.83 -2.03 -1.85
N TYR A 46 -3.94 -1.78 -3.11
CA TYR A 46 -5.23 -1.67 -3.71
C TYR A 46 -5.53 -2.86 -4.55
N LYS A 47 -6.72 -3.35 -4.41
CA LYS A 47 -7.15 -4.49 -5.15
C LYS A 47 -8.62 -4.35 -5.48
N PRO A 48 -9.00 -4.69 -6.71
CA PRO A 48 -10.37 -4.61 -7.16
C PRO A 48 -11.26 -5.65 -6.51
N CYS A 49 -12.23 -5.17 -5.84
CA CYS A 49 -13.30 -5.94 -5.28
C CYS A 49 -14.56 -5.46 -5.96
N PRO A 50 -15.68 -6.19 -5.89
CA PRO A 50 -16.94 -5.74 -6.51
C PRO A 50 -17.41 -4.44 -5.88
N ARG A 1 -15.04 -1.92 -6.92
CA ARG A 1 -14.51 -1.23 -5.73
C ARG A 1 -13.00 -1.33 -5.64
N MET A 2 -12.40 -0.28 -5.13
CA MET A 2 -10.98 -0.22 -4.88
C MET A 2 -10.75 -0.50 -3.44
N CYS A 3 -10.37 -1.69 -3.16
CA CYS A 3 -10.10 -2.12 -1.82
C CYS A 3 -8.74 -1.70 -1.40
N LYS A 4 -8.69 -0.85 -0.41
CA LYS A 4 -7.45 -0.41 0.13
C LYS A 4 -7.12 -1.32 1.30
N THR A 5 -6.12 -2.14 1.11
CA THR A 5 -5.72 -3.16 2.02
C THR A 5 -4.40 -2.75 2.71
N PRO A 6 -4.29 -2.85 4.04
CA PRO A 6 -3.06 -2.50 4.74
C PRO A 6 -1.95 -3.52 4.48
N SER A 7 -0.90 -3.06 3.82
CA SER A 7 0.25 -3.88 3.45
C SER A 7 0.91 -4.50 4.70
N GLY A 8 1.34 -5.73 4.55
CA GLY A 8 1.89 -6.45 5.65
C GLY A 8 3.40 -6.39 5.73
N LYS A 9 4.10 -6.31 4.61
CA LYS A 9 5.52 -6.36 4.68
C LYS A 9 6.15 -5.03 4.52
N PHE A 10 5.32 -4.06 4.47
CA PHE A 10 5.74 -2.72 4.39
C PHE A 10 5.98 -2.19 5.77
N LYS A 11 7.13 -1.67 5.96
CA LYS A 11 7.52 -1.03 7.19
C LYS A 11 8.54 0.04 6.91
N GLY A 12 8.09 1.26 6.95
CA GLY A 12 8.91 2.40 6.69
C GLY A 12 8.04 3.54 6.28
N TYR A 13 8.64 4.57 5.76
CA TYR A 13 7.89 5.73 5.31
C TYR A 13 7.36 5.57 3.90
N CYS A 14 6.06 5.61 3.76
CA CYS A 14 5.46 5.52 2.45
C CYS A 14 5.33 6.92 1.87
N VAL A 15 6.46 7.57 1.71
CA VAL A 15 6.54 8.87 1.05
C VAL A 15 6.25 8.76 -0.45
N ASN A 16 6.74 7.70 -1.06
CA ASN A 16 6.56 7.50 -2.48
C ASN A 16 5.63 6.33 -2.69
N ASN A 17 4.54 6.60 -3.38
CA ASN A 17 3.48 5.61 -3.70
C ASN A 17 4.07 4.41 -4.44
N THR A 18 5.12 4.65 -5.17
CA THR A 18 5.78 3.62 -5.93
C THR A 18 6.49 2.58 -5.02
N ASN A 19 6.89 2.98 -3.80
CA ASN A 19 7.54 2.05 -2.89
C ASN A 19 6.48 1.12 -2.37
N CYS A 20 5.34 1.71 -2.06
CA CYS A 20 4.15 0.99 -1.60
C CYS A 20 3.77 0.02 -2.65
N LYS A 21 3.70 0.56 -3.86
CA LYS A 21 3.27 -0.13 -5.00
C LYS A 21 4.10 -1.38 -5.14
N ASN A 22 5.43 -1.23 -5.10
CA ASN A 22 6.35 -2.34 -5.26
C ASN A 22 6.15 -3.38 -4.19
N VAL A 23 6.07 -2.94 -2.95
CA VAL A 23 5.86 -3.85 -1.84
C VAL A 23 4.54 -4.61 -1.99
N CYS A 24 3.48 -3.88 -2.30
CA CYS A 24 2.15 -4.45 -2.55
C CYS A 24 2.17 -5.43 -3.71
N ARG A 25 2.85 -5.07 -4.77
CA ARG A 25 2.98 -5.94 -5.94
C ARG A 25 3.75 -7.20 -5.58
N THR A 26 4.67 -7.07 -4.64
CA THR A 26 5.45 -8.18 -4.18
C THR A 26 4.68 -8.99 -3.05
N GLU A 27 3.65 -8.37 -2.45
CA GLU A 27 2.76 -9.09 -1.51
C GLU A 27 1.76 -9.94 -2.28
N GLY A 28 1.28 -9.40 -3.37
CA GLY A 28 0.33 -10.12 -4.21
C GLY A 28 -0.82 -9.24 -4.60
N PHE A 29 -0.53 -7.99 -4.79
CA PHE A 29 -1.53 -7.02 -5.14
C PHE A 29 -1.18 -6.37 -6.45
N PRO A 30 -2.19 -5.98 -7.24
CA PRO A 30 -1.98 -5.31 -8.52
C PRO A 30 -1.21 -3.99 -8.35
N THR A 31 -1.51 -3.26 -7.29
CA THR A 31 -0.91 -1.98 -7.10
C THR A 31 -0.97 -1.58 -5.62
N GLY A 32 -0.40 -0.45 -5.29
CA GLY A 32 -0.36 0.05 -3.96
C GLY A 32 -0.19 1.55 -3.97
N SER A 33 -0.56 2.18 -2.89
CA SER A 33 -0.47 3.62 -2.76
C SER A 33 -0.41 3.98 -1.27
N CYS A 34 0.03 5.17 -0.97
CA CYS A 34 0.29 5.53 0.39
C CYS A 34 -0.89 6.27 1.01
N ASP A 35 -0.94 6.22 2.32
CA ASP A 35 -2.01 6.77 3.11
C ASP A 35 -1.43 7.30 4.41
N PHE A 36 -2.11 8.23 5.03
CA PHE A 36 -1.67 8.78 6.26
C PHE A 36 -2.77 8.60 7.24
N HIS A 37 -2.57 7.70 8.15
CA HIS A 37 -3.56 7.45 9.16
C HIS A 37 -2.83 7.16 10.48
N VAL A 38 -1.54 7.36 10.44
CA VAL A 38 -0.65 7.05 11.53
C VAL A 38 0.48 8.01 11.50
N ALA A 39 1.18 8.16 12.62
CA ALA A 39 2.33 9.03 12.71
C ALA A 39 3.48 8.49 11.88
N GLY A 40 3.39 8.79 10.63
CA GLY A 40 4.30 8.35 9.66
C GLY A 40 3.57 8.29 8.35
N ARG A 41 3.88 7.31 7.55
CA ARG A 41 3.21 7.15 6.27
C ARG A 41 3.00 5.68 6.00
N LYS A 42 1.75 5.28 5.86
CA LYS A 42 1.41 3.91 5.76
C LYS A 42 1.12 3.54 4.30
N CYS A 43 1.53 2.37 3.93
CA CYS A 43 1.30 1.82 2.62
C CYS A 43 0.04 1.00 2.63
N TYR A 44 -0.69 1.08 1.57
CA TYR A 44 -1.87 0.32 1.36
C TYR A 44 -1.90 -0.22 -0.04
N CYS A 45 -2.33 -1.41 -0.13
CA CYS A 45 -2.39 -2.10 -1.36
C CYS A 45 -3.78 -1.99 -1.92
N TYR A 46 -3.88 -1.78 -3.20
CA TYR A 46 -5.16 -1.64 -3.84
C TYR A 46 -5.45 -2.82 -4.68
N LYS A 47 -6.66 -3.29 -4.57
CA LYS A 47 -7.11 -4.43 -5.31
C LYS A 47 -8.58 -4.28 -5.63
N PRO A 48 -9.01 -4.77 -6.78
CA PRO A 48 -10.40 -4.68 -7.18
C PRO A 48 -11.29 -5.66 -6.41
N CYS A 49 -12.27 -5.11 -5.81
CA CYS A 49 -13.36 -5.83 -5.20
C CYS A 49 -14.59 -5.41 -5.96
N PRO A 50 -15.74 -6.09 -5.84
CA PRO A 50 -16.97 -5.67 -6.51
C PRO A 50 -17.45 -4.33 -5.93
N ARG A 1 -15.05 -1.73 -6.53
CA ARG A 1 -14.52 -1.11 -5.30
C ARG A 1 -13.01 -1.20 -5.24
N MET A 2 -12.41 -0.24 -4.57
CA MET A 2 -10.98 -0.25 -4.32
C MET A 2 -10.77 -0.66 -2.91
N CYS A 3 -10.27 -1.82 -2.75
CA CYS A 3 -9.98 -2.35 -1.46
C CYS A 3 -8.61 -1.92 -1.02
N LYS A 4 -8.57 -1.16 0.04
CA LYS A 4 -7.33 -0.69 0.58
C LYS A 4 -6.93 -1.66 1.71
N THR A 5 -5.89 -2.40 1.46
CA THR A 5 -5.41 -3.44 2.34
C THR A 5 -4.05 -3.04 2.96
N PRO A 6 -3.86 -3.18 4.29
CA PRO A 6 -2.60 -2.81 4.95
C PRO A 6 -1.46 -3.78 4.62
N SER A 7 -0.42 -3.25 4.00
CA SER A 7 0.77 -4.01 3.63
C SER A 7 1.47 -4.57 4.86
N GLY A 8 2.07 -5.73 4.71
CA GLY A 8 2.68 -6.39 5.83
C GLY A 8 4.19 -6.47 5.75
N LYS A 9 4.75 -6.46 4.54
CA LYS A 9 6.18 -6.61 4.39
C LYS A 9 6.82 -5.33 3.95
N PHE A 10 6.09 -4.28 4.13
CA PHE A 10 6.51 -2.98 3.77
C PHE A 10 7.65 -2.48 4.64
N LYS A 11 8.57 -1.82 4.00
CA LYS A 11 9.75 -1.29 4.61
C LYS A 11 9.98 0.17 4.23
N GLY A 12 10.30 0.97 5.22
CA GLY A 12 10.61 2.36 5.02
C GLY A 12 9.40 3.25 5.16
N TYR A 13 9.61 4.54 5.05
CA TYR A 13 8.54 5.50 5.11
C TYR A 13 7.81 5.52 3.78
N CYS A 14 6.50 5.43 3.83
CA CYS A 14 5.73 5.42 2.61
C CYS A 14 5.47 6.85 2.12
N VAL A 15 6.53 7.51 1.71
CA VAL A 15 6.41 8.81 1.11
C VAL A 15 6.25 8.68 -0.40
N ASN A 16 6.73 7.58 -0.93
CA ASN A 16 6.65 7.30 -2.36
C ASN A 16 5.75 6.13 -2.61
N ASN A 17 4.66 6.40 -3.29
CA ASN A 17 3.62 5.43 -3.63
C ASN A 17 4.17 4.26 -4.41
N THR A 18 5.20 4.50 -5.20
CA THR A 18 5.83 3.49 -6.02
C THR A 18 6.55 2.41 -5.13
N ASN A 19 6.99 2.80 -3.92
CA ASN A 19 7.66 1.85 -3.01
C ASN A 19 6.61 0.92 -2.47
N CYS A 20 5.50 1.53 -2.06
CA CYS A 20 4.34 0.81 -1.55
C CYS A 20 3.87 -0.12 -2.60
N LYS A 21 3.79 0.44 -3.79
CA LYS A 21 3.29 -0.18 -4.93
C LYS A 21 4.04 -1.47 -5.16
N ASN A 22 5.36 -1.36 -5.24
CA ASN A 22 6.22 -2.51 -5.51
C ASN A 22 6.11 -3.55 -4.45
N VAL A 23 6.05 -3.11 -3.20
CA VAL A 23 5.91 -4.03 -2.09
C VAL A 23 4.61 -4.79 -2.21
N CYS A 24 3.53 -4.07 -2.39
CA CYS A 24 2.19 -4.63 -2.58
C CYS A 24 2.16 -5.55 -3.80
N ARG A 25 2.81 -5.14 -4.87
CA ARG A 25 2.87 -5.94 -6.09
C ARG A 25 3.61 -7.25 -5.83
N THR A 26 4.60 -7.20 -4.94
CA THR A 26 5.35 -8.36 -4.58
C THR A 26 4.62 -9.18 -3.42
N GLU A 27 3.63 -8.57 -2.78
CA GLU A 27 2.78 -9.30 -1.82
C GLU A 27 1.70 -10.07 -2.57
N GLY A 28 1.15 -9.43 -3.59
CA GLY A 28 0.15 -10.07 -4.41
C GLY A 28 -0.97 -9.11 -4.74
N PHE A 29 -0.62 -7.87 -4.99
CA PHE A 29 -1.59 -6.85 -5.28
C PHE A 29 -1.23 -6.14 -6.56
N PRO A 30 -2.23 -5.66 -7.30
CA PRO A 30 -2.00 -4.90 -8.53
C PRO A 30 -1.23 -3.60 -8.29
N THR A 31 -1.49 -2.96 -7.16
CA THR A 31 -0.88 -1.70 -6.88
C THR A 31 -0.90 -1.43 -5.37
N GLY A 32 -0.20 -0.41 -4.98
CA GLY A 32 -0.09 -0.02 -3.62
C GLY A 32 0.05 1.46 -3.60
N SER A 33 -0.31 2.06 -2.52
CA SER A 33 -0.31 3.50 -2.36
C SER A 33 -0.23 3.88 -0.88
N CYS A 34 0.32 5.05 -0.61
CA CYS A 34 0.62 5.46 0.74
C CYS A 34 -0.50 6.30 1.31
N ASP A 35 -0.89 5.96 2.50
CA ASP A 35 -2.02 6.54 3.18
C ASP A 35 -1.58 7.18 4.47
N PHE A 36 -2.36 8.12 4.94
CA PHE A 36 -2.07 8.80 6.15
C PHE A 36 -3.22 8.54 7.07
N HIS A 37 -2.99 7.74 8.08
CA HIS A 37 -4.03 7.44 9.03
C HIS A 37 -3.41 7.37 10.41
N VAL A 38 -2.17 7.81 10.48
CA VAL A 38 -1.34 7.77 11.67
C VAL A 38 -0.29 8.81 11.50
N ALA A 39 0.41 9.14 12.56
CA ALA A 39 1.52 10.07 12.48
C ALA A 39 2.68 9.40 11.75
N GLY A 40 2.57 9.41 10.46
CA GLY A 40 3.50 8.80 9.58
C GLY A 40 2.78 8.36 8.35
N ARG A 41 3.34 7.43 7.65
CA ARG A 41 2.75 6.95 6.43
C ARG A 41 2.55 5.44 6.50
N LYS A 42 1.38 4.99 6.14
CA LYS A 42 1.12 3.58 6.07
C LYS A 42 0.93 3.19 4.61
N CYS A 43 1.57 2.14 4.22
CA CYS A 43 1.42 1.59 2.89
C CYS A 43 0.16 0.76 2.85
N TYR A 44 -0.60 0.93 1.82
CA TYR A 44 -1.77 0.16 1.59
C TYR A 44 -1.79 -0.33 0.20
N CYS A 45 -2.21 -1.50 0.07
CA CYS A 45 -2.31 -2.14 -1.17
C CYS A 45 -3.70 -1.99 -1.69
N TYR A 46 -3.81 -1.75 -2.95
CA TYR A 46 -5.09 -1.57 -3.56
C TYR A 46 -5.40 -2.69 -4.48
N LYS A 47 -6.59 -3.18 -4.38
CA LYS A 47 -7.05 -4.26 -5.20
C LYS A 47 -8.53 -4.10 -5.48
N PRO A 48 -8.96 -4.47 -6.68
CA PRO A 48 -10.36 -4.38 -7.06
C PRO A 48 -11.21 -5.44 -6.37
N CYS A 49 -12.18 -4.96 -5.67
CA CYS A 49 -13.22 -5.76 -5.10
C CYS A 49 -14.48 -5.30 -5.81
N PRO A 50 -15.57 -6.06 -5.79
CA PRO A 50 -16.83 -5.61 -6.40
C PRO A 50 -17.34 -4.33 -5.73
N ARG A 1 -15.03 -1.55 -6.79
CA ARG A 1 -14.44 -0.93 -5.60
C ARG A 1 -12.93 -1.04 -5.59
N MET A 2 -12.30 -0.09 -4.92
CA MET A 2 -10.87 -0.08 -4.70
C MET A 2 -10.65 -0.41 -3.26
N CYS A 3 -10.35 -1.64 -3.04
CA CYS A 3 -10.10 -2.13 -1.72
C CYS A 3 -8.72 -1.74 -1.27
N LYS A 4 -8.68 -0.90 -0.28
CA LYS A 4 -7.45 -0.43 0.26
C LYS A 4 -7.09 -1.35 1.43
N THR A 5 -6.07 -2.11 1.24
CA THR A 5 -5.62 -3.12 2.16
C THR A 5 -4.29 -2.67 2.82
N PRO A 6 -4.15 -2.74 4.14
CA PRO A 6 -2.90 -2.37 4.80
C PRO A 6 -1.80 -3.39 4.55
N SER A 7 -0.78 -2.95 3.85
CA SER A 7 0.35 -3.76 3.46
C SER A 7 1.05 -4.38 4.68
N GLY A 8 1.45 -5.61 4.55
CA GLY A 8 2.03 -6.33 5.62
C GLY A 8 3.54 -6.25 5.67
N LYS A 9 4.21 -6.09 4.52
CA LYS A 9 5.66 -6.11 4.52
C LYS A 9 6.16 -4.73 4.66
N PHE A 10 5.30 -3.83 4.34
CA PHE A 10 5.64 -2.44 4.34
C PHE A 10 5.84 -1.93 5.73
N LYS A 11 7.06 -1.59 5.98
CA LYS A 11 7.48 -1.07 7.26
C LYS A 11 8.45 0.09 7.13
N GLY A 12 7.92 1.23 6.78
CA GLY A 12 8.70 2.42 6.60
C GLY A 12 7.82 3.54 6.16
N TYR A 13 8.40 4.62 5.70
CA TYR A 13 7.66 5.78 5.24
C TYR A 13 7.19 5.63 3.82
N CYS A 14 5.89 5.68 3.63
CA CYS A 14 5.34 5.63 2.30
C CYS A 14 5.26 7.05 1.74
N VAL A 15 6.41 7.64 1.57
CA VAL A 15 6.54 8.91 0.87
C VAL A 15 6.33 8.71 -0.63
N ASN A 16 6.80 7.57 -1.12
CA ASN A 16 6.74 7.24 -2.52
C ASN A 16 5.73 6.13 -2.76
N ASN A 17 4.72 6.43 -3.56
CA ASN A 17 3.64 5.48 -3.87
C ASN A 17 4.16 4.28 -4.64
N THR A 18 5.19 4.49 -5.42
CA THR A 18 5.81 3.44 -6.19
C THR A 18 6.53 2.43 -5.26
N ASN A 19 6.93 2.86 -4.06
CA ASN A 19 7.60 1.99 -3.10
C ASN A 19 6.55 1.08 -2.52
N CYS A 20 5.43 1.70 -2.16
CA CYS A 20 4.24 1.01 -1.66
C CYS A 20 3.85 -0.01 -2.66
N LYS A 21 3.83 0.48 -3.87
CA LYS A 21 3.41 -0.24 -4.99
C LYS A 21 4.20 -1.52 -5.09
N ASN A 22 5.52 -1.40 -5.06
CA ASN A 22 6.42 -2.55 -5.21
C ASN A 22 6.23 -3.55 -4.09
N VAL A 23 6.09 -3.05 -2.89
CA VAL A 23 5.89 -3.92 -1.74
C VAL A 23 4.53 -4.64 -1.86
N CYS A 24 3.52 -3.92 -2.25
CA CYS A 24 2.20 -4.49 -2.49
C CYS A 24 2.22 -5.47 -3.65
N ARG A 25 2.94 -5.13 -4.70
CA ARG A 25 3.07 -5.99 -5.86
C ARG A 25 3.85 -7.26 -5.52
N THR A 26 4.68 -7.17 -4.50
CA THR A 26 5.39 -8.34 -4.03
C THR A 26 4.58 -9.17 -3.02
N GLU A 27 3.81 -8.50 -2.17
CA GLU A 27 2.79 -9.18 -1.32
C GLU A 27 1.78 -9.96 -2.18
N GLY A 28 1.30 -9.33 -3.24
CA GLY A 28 0.38 -10.00 -4.14
C GLY A 28 -0.78 -9.12 -4.52
N PHE A 29 -0.48 -7.88 -4.81
CA PHE A 29 -1.48 -6.91 -5.15
C PHE A 29 -1.11 -6.22 -6.45
N PRO A 30 -2.11 -5.79 -7.23
CA PRO A 30 -1.87 -5.09 -8.49
C PRO A 30 -1.14 -3.76 -8.27
N THR A 31 -1.46 -3.07 -7.20
CA THR A 31 -0.88 -1.80 -6.97
C THR A 31 -0.90 -1.45 -5.48
N GLY A 32 -0.20 -0.42 -5.14
CA GLY A 32 -0.10 0.03 -3.81
C GLY A 32 -0.01 1.51 -3.86
N SER A 33 -0.46 2.14 -2.84
CA SER A 33 -0.50 3.57 -2.74
C SER A 33 -0.48 3.99 -1.25
N CYS A 34 -0.07 5.20 -0.98
CA CYS A 34 0.18 5.62 0.37
C CYS A 34 -1.04 6.27 1.01
N ASP A 35 -1.10 6.20 2.32
CA ASP A 35 -2.21 6.70 3.11
C ASP A 35 -1.69 7.18 4.47
N PHE A 36 -2.45 8.03 5.10
CA PHE A 36 -2.10 8.57 6.37
C PHE A 36 -3.14 8.20 7.39
N HIS A 37 -2.75 7.35 8.29
CA HIS A 37 -3.63 6.93 9.35
C HIS A 37 -2.79 6.72 10.61
N VAL A 38 -1.53 7.07 10.52
CA VAL A 38 -0.55 6.84 11.57
C VAL A 38 0.46 7.93 11.56
N ALA A 39 1.22 8.05 12.63
CA ALA A 39 2.28 9.03 12.71
C ALA A 39 3.43 8.61 11.81
N GLY A 40 3.26 8.88 10.57
CA GLY A 40 4.17 8.52 9.56
C GLY A 40 3.43 8.39 8.27
N ARG A 41 3.81 7.46 7.44
CA ARG A 41 3.17 7.28 6.16
C ARG A 41 3.02 5.82 5.88
N LYS A 42 1.80 5.37 5.74
CA LYS A 42 1.53 3.97 5.61
C LYS A 42 1.20 3.64 4.17
N CYS A 43 1.62 2.50 3.78
CA CYS A 43 1.36 1.97 2.48
C CYS A 43 0.12 1.11 2.55
N TYR A 44 -0.67 1.19 1.52
CA TYR A 44 -1.83 0.39 1.37
C TYR A 44 -1.89 -0.17 0.00
N CYS A 45 -2.29 -1.35 -0.08
CA CYS A 45 -2.38 -2.05 -1.29
C CYS A 45 -3.77 -1.93 -1.84
N TYR A 46 -3.87 -1.67 -3.09
CA TYR A 46 -5.13 -1.50 -3.72
C TYR A 46 -5.44 -2.66 -4.61
N LYS A 47 -6.63 -3.14 -4.48
CA LYS A 47 -7.08 -4.25 -5.27
C LYS A 47 -8.55 -4.09 -5.59
N PRO A 48 -8.93 -4.39 -6.82
CA PRO A 48 -10.31 -4.29 -7.27
C PRO A 48 -11.19 -5.35 -6.64
N CYS A 49 -12.18 -4.88 -5.97
CA CYS A 49 -13.23 -5.68 -5.43
C CYS A 49 -14.51 -5.15 -6.04
N PRO A 50 -15.63 -5.89 -6.01
CA PRO A 50 -16.92 -5.39 -6.55
C PRO A 50 -17.35 -4.10 -5.86
N ARG A 1 -14.83 -1.76 -7.48
CA ARG A 1 -14.35 -0.97 -6.32
C ARG A 1 -12.86 -1.14 -6.12
N MET A 2 -12.26 -0.18 -5.45
CA MET A 2 -10.87 -0.23 -5.08
C MET A 2 -10.79 -0.52 -3.62
N CYS A 3 -10.27 -1.65 -3.32
CA CYS A 3 -10.09 -2.08 -1.98
C CYS A 3 -8.74 -1.66 -1.49
N LYS A 4 -8.72 -0.83 -0.48
CA LYS A 4 -7.49 -0.39 0.11
C LYS A 4 -7.18 -1.31 1.30
N THR A 5 -6.17 -2.11 1.14
CA THR A 5 -5.76 -3.11 2.10
C THR A 5 -4.42 -2.71 2.73
N PRO A 6 -4.29 -2.76 4.07
CA PRO A 6 -3.03 -2.40 4.73
C PRO A 6 -1.88 -3.38 4.42
N SER A 7 -0.75 -2.81 4.02
CA SER A 7 0.47 -3.57 3.72
C SER A 7 0.94 -4.37 4.94
N GLY A 8 1.42 -5.57 4.71
CA GLY A 8 1.89 -6.39 5.78
C GLY A 8 3.39 -6.34 5.98
N LYS A 9 4.16 -6.08 4.92
CA LYS A 9 5.60 -6.12 5.03
C LYS A 9 6.26 -4.87 4.55
N PHE A 10 5.52 -3.81 4.57
CA PHE A 10 6.00 -2.54 4.17
C PHE A 10 7.05 -2.00 5.12
N LYS A 11 8.04 -1.40 4.55
CA LYS A 11 9.17 -0.89 5.26
C LYS A 11 9.42 0.58 4.94
N GLY A 12 9.60 1.36 5.97
CA GLY A 12 9.94 2.74 5.82
C GLY A 12 8.73 3.64 5.70
N TYR A 13 8.95 4.78 5.13
CA TYR A 13 7.90 5.76 4.94
C TYR A 13 7.25 5.60 3.59
N CYS A 14 5.95 5.73 3.55
CA CYS A 14 5.27 5.68 2.30
C CYS A 14 5.09 7.10 1.79
N VAL A 15 6.20 7.74 1.55
CA VAL A 15 6.23 9.05 0.90
C VAL A 15 5.90 8.92 -0.59
N ASN A 16 6.33 7.83 -1.19
CA ASN A 16 6.15 7.61 -2.60
C ASN A 16 5.34 6.34 -2.81
N ASN A 17 4.28 6.47 -3.58
CA ASN A 17 3.37 5.36 -3.91
C ASN A 17 4.11 4.20 -4.56
N THR A 18 5.21 4.51 -5.22
CA THR A 18 6.00 3.50 -5.91
C THR A 18 6.62 2.48 -4.93
N ASN A 19 7.01 2.92 -3.74
CA ASN A 19 7.59 2.03 -2.74
C ASN A 19 6.50 1.09 -2.26
N CYS A 20 5.34 1.69 -1.98
CA CYS A 20 4.16 0.96 -1.56
C CYS A 20 3.81 -0.04 -2.58
N LYS A 21 3.72 0.46 -3.81
CA LYS A 21 3.29 -0.24 -4.94
C LYS A 21 4.07 -1.52 -5.06
N ASN A 22 5.39 -1.38 -5.04
CA ASN A 22 6.28 -2.52 -5.21
C ASN A 22 6.09 -3.52 -4.10
N VAL A 23 6.02 -3.02 -2.87
CA VAL A 23 5.84 -3.90 -1.72
C VAL A 23 4.51 -4.66 -1.86
N CYS A 24 3.45 -3.95 -2.14
CA CYS A 24 2.14 -4.52 -2.36
C CYS A 24 2.14 -5.53 -3.52
N ARG A 25 2.85 -5.21 -4.57
CA ARG A 25 2.97 -6.09 -5.72
C ARG A 25 3.73 -7.37 -5.36
N THR A 26 4.62 -7.29 -4.38
CA THR A 26 5.31 -8.48 -3.90
C THR A 26 4.35 -9.30 -2.98
N GLU A 27 3.43 -8.61 -2.29
CA GLU A 27 2.44 -9.27 -1.41
C GLU A 27 1.33 -9.93 -2.23
N GLY A 28 1.15 -9.46 -3.44
CA GLY A 28 0.19 -10.09 -4.33
C GLY A 28 -0.90 -9.15 -4.76
N PHE A 29 -0.62 -7.88 -4.66
CA PHE A 29 -1.56 -6.87 -5.03
C PHE A 29 -1.14 -6.24 -6.33
N PRO A 30 -2.11 -5.86 -7.16
CA PRO A 30 -1.83 -5.21 -8.44
C PRO A 30 -1.08 -3.89 -8.27
N THR A 31 -1.37 -3.18 -7.20
CA THR A 31 -0.81 -1.88 -7.00
C THR A 31 -0.91 -1.49 -5.52
N GLY A 32 -0.34 -0.37 -5.19
CA GLY A 32 -0.33 0.13 -3.85
C GLY A 32 -0.20 1.62 -3.85
N SER A 33 -0.60 2.24 -2.78
CA SER A 33 -0.57 3.68 -2.64
C SER A 33 -0.46 4.04 -1.15
N CYS A 34 -0.10 5.25 -0.86
CA CYS A 34 0.18 5.66 0.47
C CYS A 34 -1.01 6.33 1.12
N ASP A 35 -1.06 6.24 2.43
CA ASP A 35 -2.13 6.76 3.24
C ASP A 35 -1.52 7.28 4.55
N PHE A 36 -2.21 8.17 5.20
CA PHE A 36 -1.74 8.73 6.42
C PHE A 36 -2.83 8.51 7.42
N HIS A 37 -2.59 7.62 8.32
CA HIS A 37 -3.55 7.34 9.35
C HIS A 37 -2.80 7.08 10.65
N VAL A 38 -1.51 7.32 10.60
CA VAL A 38 -0.59 7.04 11.68
C VAL A 38 0.53 8.02 11.62
N ALA A 39 1.25 8.17 12.71
CA ALA A 39 2.40 9.05 12.78
C ALA A 39 3.53 8.48 11.93
N GLY A 40 3.42 8.75 10.69
CA GLY A 40 4.31 8.28 9.71
C GLY A 40 3.56 8.23 8.41
N ARG A 41 3.87 7.30 7.57
CA ARG A 41 3.17 7.15 6.30
C ARG A 41 2.96 5.70 6.00
N LYS A 42 1.72 5.30 5.90
CA LYS A 42 1.37 3.92 5.80
C LYS A 42 1.01 3.56 4.37
N CYS A 43 1.57 2.48 3.93
CA CYS A 43 1.30 1.94 2.62
C CYS A 43 0.06 1.07 2.64
N TYR A 44 -0.74 1.20 1.63
CA TYR A 44 -1.90 0.40 1.44
C TYR A 44 -1.94 -0.13 0.05
N CYS A 45 -2.32 -1.32 -0.04
CA CYS A 45 -2.36 -2.02 -1.25
C CYS A 45 -3.74 -1.93 -1.85
N TYR A 46 -3.80 -1.75 -3.12
CA TYR A 46 -5.07 -1.60 -3.80
C TYR A 46 -5.34 -2.78 -4.65
N LYS A 47 -6.56 -3.23 -4.60
CA LYS A 47 -6.98 -4.35 -5.38
C LYS A 47 -8.44 -4.17 -5.77
N PRO A 48 -8.79 -4.59 -6.97
CA PRO A 48 -10.15 -4.50 -7.46
C PRO A 48 -11.10 -5.48 -6.78
N CYS A 49 -12.06 -4.94 -6.14
CA CYS A 49 -13.15 -5.68 -5.59
C CYS A 49 -14.34 -5.28 -6.41
N PRO A 50 -15.43 -6.06 -6.44
CA PRO A 50 -16.65 -5.67 -7.15
C PRO A 50 -17.21 -4.41 -6.52
N ARG A 1 -14.72 -1.08 -7.36
CA ARG A 1 -14.22 -0.48 -6.13
C ARG A 1 -12.73 -0.68 -5.97
N MET A 2 -12.11 0.22 -5.23
CA MET A 2 -10.70 0.15 -4.90
C MET A 2 -10.60 -0.15 -3.46
N CYS A 3 -10.33 -1.37 -3.18
CA CYS A 3 -10.18 -1.83 -1.85
C CYS A 3 -8.81 -1.51 -1.34
N LYS A 4 -8.77 -0.61 -0.39
CA LYS A 4 -7.54 -0.15 0.19
C LYS A 4 -7.23 -1.00 1.42
N THR A 5 -6.20 -1.78 1.31
CA THR A 5 -5.79 -2.71 2.34
C THR A 5 -4.39 -2.35 2.84
N PRO A 6 -4.21 -2.12 4.14
CA PRO A 6 -2.90 -1.76 4.72
C PRO A 6 -1.86 -2.86 4.55
N SER A 7 -0.77 -2.51 3.92
CA SER A 7 0.33 -3.42 3.62
C SER A 7 0.94 -3.99 4.90
N GLY A 8 1.30 -5.24 4.85
CA GLY A 8 1.81 -5.93 5.97
C GLY A 8 3.32 -5.86 6.08
N LYS A 9 4.05 -5.78 4.98
CA LYS A 9 5.46 -5.83 5.10
C LYS A 9 6.13 -4.54 4.90
N PHE A 10 5.34 -3.54 4.68
CA PHE A 10 5.82 -2.21 4.49
C PHE A 10 6.10 -1.51 5.81
N LYS A 11 7.28 -0.96 5.90
CA LYS A 11 7.70 -0.12 7.01
C LYS A 11 8.30 1.13 6.44
N GLY A 12 8.41 2.16 7.25
CA GLY A 12 9.06 3.36 6.81
C GLY A 12 8.07 4.41 6.39
N TYR A 13 8.51 5.28 5.52
CA TYR A 13 7.71 6.36 5.04
C TYR A 13 7.23 6.14 3.63
N CYS A 14 5.95 5.95 3.48
CA CYS A 14 5.36 5.80 2.18
C CYS A 14 5.09 7.18 1.59
N VAL A 15 6.14 7.85 1.25
CA VAL A 15 6.09 9.09 0.52
C VAL A 15 5.71 8.80 -0.93
N ASN A 16 6.43 7.89 -1.51
CA ASN A 16 6.28 7.53 -2.90
C ASN A 16 5.44 6.27 -3.08
N ASN A 17 4.38 6.42 -3.87
CA ASN A 17 3.41 5.36 -4.17
C ASN A 17 4.04 4.17 -4.87
N THR A 18 5.08 4.41 -5.63
CA THR A 18 5.79 3.38 -6.38
C THR A 18 6.45 2.34 -5.40
N ASN A 19 6.93 2.82 -4.24
CA ASN A 19 7.56 1.96 -3.24
C ASN A 19 6.50 1.09 -2.64
N CYS A 20 5.38 1.73 -2.32
CA CYS A 20 4.20 1.07 -1.78
C CYS A 20 3.78 0.02 -2.73
N LYS A 21 3.75 0.45 -3.96
CA LYS A 21 3.32 -0.31 -5.05
C LYS A 21 4.11 -1.59 -5.09
N ASN A 22 5.44 -1.44 -5.10
CA ASN A 22 6.36 -2.58 -5.18
C ASN A 22 6.15 -3.52 -4.04
N VAL A 23 6.07 -2.99 -2.83
CA VAL A 23 5.88 -3.80 -1.65
C VAL A 23 4.56 -4.57 -1.73
N CYS A 24 3.50 -3.87 -2.09
CA CYS A 24 2.18 -4.46 -2.28
C CYS A 24 2.17 -5.50 -3.38
N ARG A 25 2.88 -5.23 -4.46
CA ARG A 25 2.99 -6.16 -5.57
C ARG A 25 3.77 -7.40 -5.14
N THR A 26 4.66 -7.21 -4.18
CA THR A 26 5.44 -8.30 -3.64
C THR A 26 4.64 -9.02 -2.48
N GLU A 27 3.62 -8.35 -1.93
CA GLU A 27 2.70 -8.99 -0.97
C GLU A 27 1.69 -9.85 -1.71
N GLY A 28 1.20 -9.35 -2.81
CA GLY A 28 0.25 -10.08 -3.62
C GLY A 28 -0.90 -9.21 -4.06
N PHE A 29 -0.58 -7.99 -4.39
CA PHE A 29 -1.57 -7.02 -4.79
C PHE A 29 -1.17 -6.41 -6.12
N PRO A 30 -2.16 -6.00 -6.93
CA PRO A 30 -1.90 -5.37 -8.21
C PRO A 30 -1.15 -4.04 -8.07
N THR A 31 -1.47 -3.28 -7.03
CA THR A 31 -0.88 -2.01 -6.87
C THR A 31 -0.92 -1.58 -5.40
N GLY A 32 -0.22 -0.52 -5.11
CA GLY A 32 -0.15 0.01 -3.80
C GLY A 32 -0.04 1.48 -3.90
N SER A 33 -0.47 2.15 -2.90
CA SER A 33 -0.49 3.59 -2.83
C SER A 33 -0.52 4.05 -1.35
N CYS A 34 0.05 5.20 -1.09
CA CYS A 34 0.27 5.65 0.26
C CYS A 34 -0.94 6.39 0.85
N ASP A 35 -1.17 6.15 2.13
CA ASP A 35 -2.29 6.70 2.90
C ASP A 35 -1.81 6.86 4.38
N PHE A 36 -2.68 7.20 5.31
CA PHE A 36 -2.27 7.50 6.67
C PHE A 36 -3.15 6.76 7.69
N HIS A 37 -2.53 6.03 8.60
CA HIS A 37 -3.21 5.52 9.79
C HIS A 37 -2.22 5.44 10.91
N VAL A 38 -1.09 6.04 10.68
CA VAL A 38 0.04 5.99 11.57
C VAL A 38 0.79 7.27 11.48
N ALA A 39 1.51 7.60 12.53
CA ALA A 39 2.33 8.79 12.56
C ALA A 39 3.53 8.60 11.66
N GLY A 40 3.29 8.87 10.42
CA GLY A 40 4.24 8.72 9.40
C GLY A 40 3.51 8.56 8.11
N ARG A 41 3.94 7.65 7.28
CA ARG A 41 3.29 7.43 6.01
C ARG A 41 3.14 5.96 5.73
N LYS A 42 1.91 5.53 5.59
CA LYS A 42 1.62 4.12 5.48
C LYS A 42 1.28 3.74 4.05
N CYS A 43 1.66 2.58 3.70
CA CYS A 43 1.39 2.02 2.42
C CYS A 43 0.11 1.23 2.51
N TYR A 44 -0.69 1.32 1.48
CA TYR A 44 -1.86 0.54 1.35
C TYR A 44 -1.88 -0.08 0.01
N CYS A 45 -2.30 -1.25 -0.02
CA CYS A 45 -2.38 -2.00 -1.19
C CYS A 45 -3.76 -1.88 -1.74
N TYR A 46 -3.85 -1.65 -3.00
CA TYR A 46 -5.10 -1.48 -3.64
C TYR A 46 -5.44 -2.66 -4.48
N LYS A 47 -6.64 -3.10 -4.34
CA LYS A 47 -7.12 -4.22 -5.08
C LYS A 47 -8.56 -4.00 -5.52
N PRO A 48 -8.85 -4.30 -6.77
CA PRO A 48 -10.17 -4.11 -7.34
C PRO A 48 -11.19 -5.09 -6.79
N CYS A 49 -12.16 -4.55 -6.16
CA CYS A 49 -13.31 -5.24 -5.70
C CYS A 49 -14.49 -4.66 -6.45
N PRO A 50 -15.64 -5.33 -6.52
CA PRO A 50 -16.82 -4.79 -7.23
C PRO A 50 -17.27 -3.45 -6.62
N ARG A 1 -14.86 -1.62 -6.90
CA ARG A 1 -14.36 -1.08 -5.64
C ARG A 1 -12.84 -1.17 -5.57
N MET A 2 -12.27 -0.31 -4.75
CA MET A 2 -10.86 -0.30 -4.47
C MET A 2 -10.66 -0.70 -3.06
N CYS A 3 -10.28 -1.91 -2.90
CA CYS A 3 -10.05 -2.47 -1.61
C CYS A 3 -8.67 -2.10 -1.11
N LYS A 4 -8.65 -1.29 -0.08
CA LYS A 4 -7.43 -0.82 0.50
C LYS A 4 -7.03 -1.74 1.67
N THR A 5 -5.97 -2.48 1.47
CA THR A 5 -5.47 -3.45 2.40
C THR A 5 -4.16 -2.94 3.02
N PRO A 6 -3.97 -3.02 4.34
CA PRO A 6 -2.73 -2.57 4.98
C PRO A 6 -1.57 -3.54 4.72
N SER A 7 -0.55 -3.04 4.05
CA SER A 7 0.65 -3.80 3.72
C SER A 7 1.36 -4.27 5.00
N GLY A 8 1.97 -5.42 4.94
CA GLY A 8 2.58 -5.98 6.11
C GLY A 8 4.09 -6.01 6.08
N LYS A 9 4.68 -6.01 4.89
CA LYS A 9 6.13 -6.15 4.83
C LYS A 9 6.76 -4.85 4.48
N PHE A 10 5.90 -3.91 4.26
CA PHE A 10 6.30 -2.54 4.09
C PHE A 10 6.85 -2.03 5.41
N LYS A 11 8.08 -1.69 5.41
CA LYS A 11 8.73 -1.22 6.61
C LYS A 11 9.41 0.11 6.32
N GLY A 12 8.73 1.19 6.58
CA GLY A 12 9.30 2.48 6.36
C GLY A 12 8.25 3.51 6.04
N TYR A 13 8.68 4.60 5.46
CA TYR A 13 7.79 5.69 5.09
C TYR A 13 7.23 5.54 3.70
N CYS A 14 5.93 5.63 3.59
CA CYS A 14 5.31 5.58 2.30
C CYS A 14 5.19 7.00 1.75
N VAL A 15 6.32 7.60 1.52
CA VAL A 15 6.41 8.89 0.84
C VAL A 15 6.10 8.72 -0.65
N ASN A 16 6.55 7.62 -1.20
CA ASN A 16 6.40 7.33 -2.62
C ASN A 16 5.43 6.19 -2.82
N ASN A 17 4.36 6.45 -3.56
CA ASN A 17 3.31 5.46 -3.83
C ASN A 17 3.85 4.29 -4.63
N THR A 18 4.83 4.56 -5.48
CA THR A 18 5.45 3.55 -6.30
C THR A 18 6.25 2.54 -5.42
N ASN A 19 6.67 2.98 -4.22
CA ASN A 19 7.41 2.12 -3.30
C ASN A 19 6.43 1.14 -2.71
N CYS A 20 5.31 1.71 -2.25
CA CYS A 20 4.18 0.96 -1.70
C CYS A 20 3.74 -0.03 -2.70
N LYS A 21 3.67 0.47 -3.92
CA LYS A 21 3.21 -0.23 -5.02
C LYS A 21 3.99 -1.51 -5.16
N ASN A 22 5.31 -1.37 -5.23
CA ASN A 22 6.21 -2.51 -5.43
C ASN A 22 6.10 -3.49 -4.31
N VAL A 23 6.05 -2.96 -3.11
CA VAL A 23 5.91 -3.75 -1.91
C VAL A 23 4.63 -4.61 -1.98
N CYS A 24 3.53 -3.96 -2.26
CA CYS A 24 2.23 -4.59 -2.42
C CYS A 24 2.21 -5.55 -3.59
N ARG A 25 2.87 -5.19 -4.67
CA ARG A 25 2.97 -6.06 -5.84
C ARG A 25 3.75 -7.33 -5.49
N THR A 26 4.66 -7.21 -4.54
CA THR A 26 5.42 -8.34 -4.05
C THR A 26 4.63 -9.11 -2.93
N GLU A 27 3.57 -8.47 -2.37
CA GLU A 27 2.69 -9.15 -1.40
C GLU A 27 1.59 -9.91 -2.12
N GLY A 28 1.27 -9.45 -3.32
CA GLY A 28 0.25 -10.11 -4.12
C GLY A 28 -0.89 -9.18 -4.46
N PHE A 29 -0.53 -7.95 -4.77
CA PHE A 29 -1.51 -6.95 -5.11
C PHE A 29 -1.13 -6.27 -6.40
N PRO A 30 -2.12 -5.84 -7.19
CA PRO A 30 -1.88 -5.13 -8.44
C PRO A 30 -1.17 -3.79 -8.22
N THR A 31 -1.48 -3.12 -7.11
CA THR A 31 -0.93 -1.85 -6.87
C THR A 31 -0.95 -1.55 -5.37
N GLY A 32 -0.27 -0.50 -5.00
CA GLY A 32 -0.18 -0.08 -3.66
C GLY A 32 -0.10 1.39 -3.69
N SER A 33 -0.52 1.99 -2.64
CA SER A 33 -0.58 3.43 -2.53
C SER A 33 -0.54 3.84 -1.04
N CYS A 34 -0.17 5.06 -0.79
CA CYS A 34 0.10 5.51 0.55
C CYS A 34 -1.12 6.11 1.19
N ASP A 35 -1.12 6.11 2.50
CA ASP A 35 -2.21 6.59 3.31
C ASP A 35 -1.64 7.17 4.60
N PHE A 36 -2.37 8.06 5.20
CA PHE A 36 -1.98 8.69 6.41
C PHE A 36 -3.03 8.45 7.44
N HIS A 37 -2.67 7.64 8.39
CA HIS A 37 -3.57 7.33 9.47
C HIS A 37 -2.75 7.12 10.74
N VAL A 38 -1.47 7.43 10.64
CA VAL A 38 -0.50 7.19 11.69
C VAL A 38 0.57 8.24 11.63
N ALA A 39 1.34 8.37 12.69
CA ALA A 39 2.45 9.30 12.72
C ALA A 39 3.58 8.75 11.87
N GLY A 40 3.43 8.96 10.60
CA GLY A 40 4.30 8.47 9.62
C GLY A 40 3.56 8.36 8.34
N ARG A 41 3.91 7.42 7.52
CA ARG A 41 3.24 7.23 6.24
C ARG A 41 3.05 5.78 5.99
N LYS A 42 1.81 5.36 5.90
CA LYS A 42 1.48 3.98 5.82
C LYS A 42 1.19 3.59 4.38
N CYS A 43 1.62 2.43 4.02
CA CYS A 43 1.39 1.85 2.72
C CYS A 43 0.17 0.96 2.78
N TYR A 44 -0.63 1.03 1.75
CA TYR A 44 -1.77 0.20 1.61
C TYR A 44 -1.82 -0.34 0.21
N CYS A 45 -2.23 -1.53 0.12
CA CYS A 45 -2.32 -2.20 -1.11
C CYS A 45 -3.71 -2.08 -1.64
N TYR A 46 -3.83 -1.86 -2.91
CA TYR A 46 -5.10 -1.68 -3.52
C TYR A 46 -5.40 -2.80 -4.46
N LYS A 47 -6.58 -3.29 -4.36
CA LYS A 47 -7.02 -4.36 -5.21
C LYS A 47 -8.46 -4.14 -5.62
N PRO A 48 -8.76 -4.34 -6.90
CA PRO A 48 -10.09 -4.17 -7.44
C PRO A 48 -11.04 -5.28 -6.99
N CYS A 49 -11.94 -4.91 -6.19
CA CYS A 49 -13.00 -5.74 -5.75
C CYS A 49 -14.26 -5.21 -6.40
N PRO A 50 -15.36 -5.97 -6.46
CA PRO A 50 -16.61 -5.48 -7.08
C PRO A 50 -17.16 -4.28 -6.31
N ARG A 1 -14.93 -1.68 -7.01
CA ARG A 1 -14.39 -1.03 -5.83
C ARG A 1 -12.88 -1.13 -5.75
N MET A 2 -12.28 -0.18 -5.06
CA MET A 2 -10.86 -0.17 -4.79
C MET A 2 -10.68 -0.46 -3.34
N CYS A 3 -10.35 -1.66 -3.08
CA CYS A 3 -10.13 -2.12 -1.75
C CYS A 3 -8.76 -1.73 -1.28
N LYS A 4 -8.72 -0.86 -0.29
CA LYS A 4 -7.48 -0.40 0.26
C LYS A 4 -7.13 -1.31 1.45
N THR A 5 -6.10 -2.08 1.26
CA THR A 5 -5.66 -3.08 2.20
C THR A 5 -4.33 -2.66 2.83
N PRO A 6 -4.18 -2.71 4.15
CA PRO A 6 -2.91 -2.37 4.80
C PRO A 6 -1.81 -3.37 4.46
N SER A 7 -0.69 -2.85 3.99
CA SER A 7 0.48 -3.65 3.63
C SER A 7 1.00 -4.44 4.83
N GLY A 8 1.46 -5.63 4.56
CA GLY A 8 1.91 -6.49 5.60
C GLY A 8 3.41 -6.50 5.82
N LYS A 9 4.21 -6.22 4.80
CA LYS A 9 5.64 -6.32 4.99
C LYS A 9 6.33 -5.03 4.71
N PHE A 10 5.56 -4.11 4.31
CA PHE A 10 5.99 -2.73 4.19
C PHE A 10 6.29 -2.19 5.58
N LYS A 11 7.49 -1.79 5.74
CA LYS A 11 7.96 -1.29 7.00
C LYS A 11 8.82 -0.03 6.81
N GLY A 12 8.18 1.10 6.74
CA GLY A 12 8.88 2.34 6.56
C GLY A 12 7.95 3.44 6.16
N TYR A 13 8.50 4.53 5.69
CA TYR A 13 7.73 5.69 5.29
C TYR A 13 7.23 5.56 3.87
N CYS A 14 5.95 5.58 3.69
CA CYS A 14 5.37 5.51 2.38
C CYS A 14 5.22 6.92 1.82
N VAL A 15 6.34 7.51 1.52
CA VAL A 15 6.38 8.80 0.84
C VAL A 15 5.90 8.64 -0.59
N ASN A 16 6.54 7.75 -1.32
CA ASN A 16 6.24 7.56 -2.74
C ASN A 16 5.38 6.31 -2.91
N ASN A 17 4.26 6.49 -3.60
CA ASN A 17 3.29 5.42 -3.90
C ASN A 17 3.94 4.25 -4.62
N THR A 18 4.96 4.54 -5.41
CA THR A 18 5.69 3.55 -6.18
C THR A 18 6.42 2.54 -5.26
N ASN A 19 6.81 2.97 -4.04
CA ASN A 19 7.50 2.08 -3.10
C ASN A 19 6.48 1.13 -2.54
N CYS A 20 5.34 1.71 -2.17
CA CYS A 20 4.19 0.97 -1.66
C CYS A 20 3.82 -0.03 -2.68
N LYS A 21 3.77 0.47 -3.89
CA LYS A 21 3.35 -0.23 -5.02
C LYS A 21 4.15 -1.49 -5.14
N ASN A 22 5.48 -1.35 -5.15
CA ASN A 22 6.38 -2.48 -5.31
C ASN A 22 6.20 -3.48 -4.22
N VAL A 23 6.12 -2.99 -3.00
CA VAL A 23 5.92 -3.84 -1.84
C VAL A 23 4.60 -4.60 -1.95
N CYS A 24 3.54 -3.90 -2.25
CA CYS A 24 2.22 -4.48 -2.44
C CYS A 24 2.22 -5.47 -3.62
N ARG A 25 2.95 -5.14 -4.67
CA ARG A 25 3.07 -6.00 -5.83
C ARG A 25 3.85 -7.27 -5.48
N THR A 26 4.69 -7.17 -4.46
CA THR A 26 5.41 -8.31 -3.94
C THR A 26 4.48 -9.13 -2.99
N GLU A 27 3.64 -8.42 -2.23
CA GLU A 27 2.70 -9.06 -1.30
C GLU A 27 1.57 -9.79 -2.05
N GLY A 28 1.30 -9.35 -3.27
CA GLY A 28 0.32 -10.03 -4.10
C GLY A 28 -0.82 -9.11 -4.50
N PHE A 29 -0.52 -7.86 -4.64
CA PHE A 29 -1.50 -6.87 -4.99
C PHE A 29 -1.13 -6.22 -6.30
N PRO A 30 -2.13 -5.82 -7.09
CA PRO A 30 -1.88 -5.14 -8.37
C PRO A 30 -1.15 -3.81 -8.19
N THR A 31 -1.45 -3.11 -7.11
CA THR A 31 -0.87 -1.82 -6.90
C THR A 31 -0.89 -1.48 -5.43
N GLY A 32 -0.22 -0.41 -5.08
CA GLY A 32 -0.13 0.06 -3.77
C GLY A 32 -0.02 1.53 -3.82
N SER A 33 -0.47 2.17 -2.82
CA SER A 33 -0.50 3.59 -2.70
C SER A 33 -0.42 3.99 -1.21
N CYS A 34 0.03 5.18 -0.93
CA CYS A 34 0.29 5.59 0.42
C CYS A 34 -0.91 6.27 1.05
N ASP A 35 -0.99 6.16 2.35
CA ASP A 35 -2.08 6.66 3.15
C ASP A 35 -1.54 7.16 4.48
N PHE A 36 -2.27 8.02 5.13
CA PHE A 36 -1.86 8.56 6.38
C PHE A 36 -2.93 8.20 7.38
N HIS A 37 -2.60 7.30 8.26
CA HIS A 37 -3.53 6.91 9.29
C HIS A 37 -2.74 6.75 10.59
N VAL A 38 -1.47 7.10 10.51
CA VAL A 38 -0.51 6.90 11.57
C VAL A 38 0.50 7.99 11.48
N ALA A 39 1.22 8.22 12.57
CA ALA A 39 2.28 9.22 12.60
C ALA A 39 3.43 8.73 11.76
N GLY A 40 3.31 8.98 10.51
CA GLY A 40 4.24 8.57 9.53
C GLY A 40 3.50 8.41 8.24
N ARG A 41 3.88 7.44 7.45
CA ARG A 41 3.23 7.21 6.17
C ARG A 41 3.09 5.74 5.93
N LYS A 42 1.88 5.27 5.78
CA LYS A 42 1.61 3.87 5.68
C LYS A 42 1.22 3.50 4.26
N CYS A 43 1.73 2.41 3.83
CA CYS A 43 1.45 1.87 2.53
C CYS A 43 0.18 1.04 2.57
N TYR A 44 -0.65 1.21 1.60
CA TYR A 44 -1.83 0.45 1.44
C TYR A 44 -1.90 -0.10 0.06
N CYS A 45 -2.27 -1.30 -0.01
CA CYS A 45 -2.33 -2.02 -1.21
C CYS A 45 -3.73 -1.94 -1.75
N TYR A 46 -3.84 -1.69 -3.02
CA TYR A 46 -5.11 -1.56 -3.63
C TYR A 46 -5.41 -2.73 -4.50
N LYS A 47 -6.60 -3.23 -4.38
CA LYS A 47 -7.04 -4.34 -5.16
C LYS A 47 -8.50 -4.19 -5.52
N PRO A 48 -8.85 -4.53 -6.75
CA PRO A 48 -10.22 -4.43 -7.23
C PRO A 48 -11.14 -5.47 -6.60
N CYS A 49 -12.12 -4.97 -5.97
CA CYS A 49 -13.20 -5.75 -5.44
C CYS A 49 -14.45 -5.24 -6.14
N PRO A 50 -15.58 -5.95 -6.11
CA PRO A 50 -16.82 -5.48 -6.75
C PRO A 50 -17.30 -4.18 -6.11
#